data_6ULN
#
_entry.id   6ULN
#
_cell.length_a   72.787
_cell.length_b   74.057
_cell.length_c   107.462
_cell.angle_alpha   90.000
_cell.angle_beta   101.680
_cell.angle_gamma   90.000
#
_symmetry.space_group_name_H-M   'P 1 21 1'
#
loop_
_entity.id
_entity.type
_entity.pdbx_description
1 polymer 'HLA class I antigen'
2 polymer Beta-2-microglobulin
3 polymer GLY-ALA-ASP-GLY-VAL-GLY-LYS-SER-ALA
4 polymer TCR-V-alpha-4*01
5 polymer TCR-V-beta-5-6*01
6 non-polymer 'SULFATE ION'
7 non-polymer GLYCEROL
8 non-polymer 'MAGNESIUM ION'
9 water water
#
loop_
_entity_poly.entity_id
_entity_poly.type
_entity_poly.pdbx_seq_one_letter_code
_entity_poly.pdbx_strand_id
1 'polypeptide(L)'
;CSHSMRYFYTAVSRPGRGEPRFIAVGYVDDTQFVQFDSDAASPRGEPRAPWVEQEGPEYWDRETQKYKRQAQTDRVSLRN
LRGYYNQSEAGSHTLQRMYGCDLGPDGRLLRGYNQFAYDGKDYIALNEDLRSWTAADKAAQITQRKWEAAREAEQRRAYL
EGTCVEWLRRYLENGKKTLQRAEHPKTHVTHHPVSDHEATLRCWALGFYPAEITLTWQRDGEDQTQDTELVETRPAGDGT
FQKWAAVVVPSGEEQRYTCHVQHEGLPEPLTLRW
;
A
2 'polypeptide(L)'
;IQRTPKIQVYSRHPAENGKSNFLNCYVSGFHPSDIEVDLLKNGERIEKVEHSDLSFSKDWSFYLLYYTEFTPTEKDEYAC
RVNHVTLSQPKIVKWDRDM
;
B
3 'polypeptide(L)' GADGVGKSA C
4 'polypeptide(L)'
;MAGLAKTTQPISVDSYEGQEVNITCSHNNIATNDYITWYQQFPSQGPRFIIQGYKTKVTNEVASLFIPADRKSSTLSLPR
VSLSDTAVYYCLVGDMDQAGTALIFGKGTTLSVSSDIQNPDPAVYQLRDSKSSDKSVCLFTDFDSQTNVSQSKDSDVYIT
DKCVLDMRSMDFKSNSAVAWSNKSDFACANAFNNSIIPEDTFFPSP
;
D
5 'polypeptide(L)'
;MAGVTQSPTHLIKTRGQQVTLRCSPKSGHDTVSWYQQALGQGPQFIFQYYEEEERQRGNFPDRFSGHQFPNYSSELNVNA
LLLGDSALYLCASSLGQTNYGYTFGSGTRLTVVEDLRNVFPPEVAVFEPSEAEISHTQKATLVCLATGFYPDHVELSWWV
NGKEVHSGVCTDPQPLKEQPALNDSRYALSSRLRVSATFWQNPRNHFRCQVQFYGLSENDEWTQDRAKPVTQIVSAEAWG
RAD
;
E
#
loop_
_chem_comp.id
_chem_comp.type
_chem_comp.name
_chem_comp.formula
GOL non-polymer GLYCEROL 'C3 H8 O3'
MG non-polymer 'MAGNESIUM ION' 'Mg 2'
SO4 non-polymer 'SULFATE ION' 'O4 S -2'
#
# COMPACT_ATOMS: atom_id res chain seq x y z
N SER A 2 -2.88 0.77 -14.06
CA SER A 2 -3.84 -0.33 -14.09
C SER A 2 -5.26 0.17 -14.36
N HIS A 3 -5.72 -0.03 -15.59
CA HIS A 3 -7.05 0.40 -15.98
C HIS A 3 -8.11 -0.46 -15.31
N SER A 4 -9.33 0.08 -15.24
CA SER A 4 -10.43 -0.63 -14.61
C SER A 4 -11.73 -0.27 -15.30
N MET A 5 -12.69 -1.19 -15.25
CA MET A 5 -14.08 -0.93 -15.59
C MET A 5 -14.90 -1.27 -14.35
N ARG A 6 -15.82 -0.38 -13.98
CA ARG A 6 -16.57 -0.54 -12.75
C ARG A 6 -18.02 -0.14 -12.95
N TYR A 7 -18.93 -0.93 -12.41
CA TYR A 7 -20.36 -0.64 -12.45
C TYR A 7 -20.86 -0.40 -11.04
N PHE A 8 -21.80 0.54 -10.90
CA PHE A 8 -22.34 0.97 -9.62
C PHE A 8 -23.85 0.94 -9.72
N TYR A 9 -24.49 0.04 -8.97
CA TYR A 9 -25.94 -0.10 -8.94
C TYR A 9 -26.48 0.41 -7.61
N THR A 10 -27.55 1.22 -7.67
CA THR A 10 -28.25 1.67 -6.48
C THR A 10 -29.73 1.34 -6.62
N ALA A 11 -30.27 0.55 -5.69
CA ALA A 11 -31.68 0.20 -5.66
C ALA A 11 -32.27 0.70 -4.35
N VAL A 12 -33.33 1.51 -4.43
CA VAL A 12 -33.94 2.15 -3.27
C VAL A 12 -35.42 1.84 -3.25
N SER A 13 -35.88 1.18 -2.20
CA SER A 13 -37.31 0.94 -2.08
C SER A 13 -38.03 2.22 -1.65
N ARG A 14 -39.31 2.28 -1.96
CA ARG A 14 -40.11 3.45 -1.59
C ARG A 14 -41.52 3.01 -1.23
N PRO A 15 -41.87 3.04 0.05
CA PRO A 15 -43.20 2.58 0.48
C PRO A 15 -44.30 3.42 -0.14
N GLY A 16 -45.24 2.75 -0.81
CA GLY A 16 -46.41 3.40 -1.35
C GLY A 16 -46.21 4.16 -2.65
N ARG A 17 -44.98 4.53 -2.99
CA ARG A 17 -44.72 5.22 -4.25
C ARG A 17 -44.60 4.27 -5.43
N GLY A 18 -44.51 2.96 -5.20
CA GLY A 18 -44.51 1.98 -6.26
C GLY A 18 -43.24 1.15 -6.26
N GLU A 19 -42.81 0.77 -7.47
CA GLU A 19 -41.63 -0.06 -7.63
C GLU A 19 -40.40 0.66 -7.07
N PRO A 20 -39.40 -0.08 -6.61
CA PRO A 20 -38.14 0.55 -6.20
C PRO A 20 -37.44 1.19 -7.39
N ARG A 21 -36.73 2.28 -7.12
CA ARG A 21 -35.96 2.95 -8.15
C ARG A 21 -34.60 2.29 -8.27
N PHE A 22 -34.19 2.03 -9.51
CA PHE A 22 -32.92 1.37 -9.82
C PHE A 22 -32.11 2.28 -10.72
N ILE A 23 -30.90 2.62 -10.27
CA ILE A 23 -30.00 3.50 -11.01
C ILE A 23 -28.68 2.76 -11.18
N ALA A 24 -28.14 2.78 -12.39
CA ALA A 24 -26.86 2.16 -12.67
C ALA A 24 -25.97 3.15 -13.41
N VAL A 25 -24.69 3.15 -13.05
CA VAL A 25 -23.68 3.92 -13.78
C VAL A 25 -22.47 3.03 -14.00
N GLY A 26 -21.83 3.19 -15.15
CA GLY A 26 -20.62 2.44 -15.47
C GLY A 26 -19.48 3.38 -15.83
N TYR A 27 -18.29 3.06 -15.32
CA TYR A 27 -17.10 3.87 -15.53
C TYR A 27 -15.99 3.02 -16.14
N VAL A 28 -15.14 3.70 -16.92
CA VAL A 28 -13.80 3.22 -17.21
C VAL A 28 -12.84 4.22 -16.56
N ASP A 29 -12.02 3.72 -15.63
CA ASP A 29 -11.15 4.58 -14.81
C ASP A 29 -12.04 5.66 -14.19
N ASP A 30 -11.73 6.95 -14.36
CA ASP A 30 -12.52 8.04 -13.80
C ASP A 30 -13.48 8.65 -14.82
N THR A 31 -13.82 7.92 -15.88
CA THR A 31 -14.69 8.42 -16.95
C THR A 31 -15.96 7.60 -17.01
N GLN A 32 -17.10 8.25 -16.77
CA GLN A 32 -18.40 7.58 -16.89
C GLN A 32 -18.76 7.42 -18.36
N PHE A 33 -19.35 6.28 -18.71
CA PHE A 33 -19.76 6.05 -20.08
C PHE A 33 -21.21 5.60 -20.25
N VAL A 34 -21.91 5.23 -19.18
CA VAL A 34 -23.29 4.76 -19.30
C VAL A 34 -24.06 5.10 -18.03
N GLN A 35 -25.37 5.31 -18.20
CA GLN A 35 -26.31 5.51 -17.11
C GLN A 35 -27.60 4.79 -17.44
N PHE A 36 -28.27 4.28 -16.41
CA PHE A 36 -29.62 3.75 -16.52
C PHE A 36 -30.43 4.18 -15.32
N ASP A 37 -31.67 4.59 -15.57
CA ASP A 37 -32.56 5.05 -14.50
C ASP A 37 -33.95 4.48 -14.76
N SER A 38 -34.43 3.64 -13.84
CA SER A 38 -35.73 3.00 -14.03
C SER A 38 -36.88 3.99 -14.01
N ASP A 39 -36.66 5.22 -13.52
CA ASP A 39 -37.69 6.22 -13.47
C ASP A 39 -37.75 7.10 -14.71
N ALA A 40 -36.88 6.85 -15.69
CA ALA A 40 -36.91 7.62 -16.93
C ALA A 40 -38.25 7.40 -17.66
N ALA A 41 -38.51 8.25 -18.65
CA ALA A 41 -39.72 8.18 -19.44
C ALA A 41 -39.94 6.76 -19.96
N SER A 42 -39.06 6.32 -20.86
CA SER A 42 -38.96 4.90 -21.23
C SER A 42 -37.52 4.48 -20.97
N PRO A 43 -37.26 3.75 -19.87
CA PRO A 43 -35.88 3.58 -19.41
C PRO A 43 -35.02 2.82 -20.41
N ARG A 44 -33.81 3.32 -20.64
CA ARG A 44 -32.86 2.75 -21.57
C ARG A 44 -31.45 3.08 -21.10
N GLY A 45 -30.51 2.20 -21.42
CA GLY A 45 -29.11 2.53 -21.23
C GLY A 45 -28.76 3.75 -22.05
N GLU A 46 -28.03 4.70 -21.46
CA GLU A 46 -27.75 5.94 -22.14
C GLU A 46 -26.25 6.20 -22.19
N PRO A 47 -25.73 6.64 -23.33
CA PRO A 47 -24.29 6.94 -23.41
C PRO A 47 -23.93 8.18 -22.62
N ARG A 48 -22.74 8.14 -22.00
CA ARG A 48 -22.19 9.28 -21.29
C ARG A 48 -20.78 9.63 -21.77
N ALA A 49 -20.25 8.90 -22.74
CA ALA A 49 -18.92 9.15 -23.28
C ALA A 49 -18.97 8.88 -24.77
N PRO A 50 -18.25 9.67 -25.58
CA PRO A 50 -18.37 9.52 -27.03
C PRO A 50 -17.89 8.18 -27.55
N TRP A 51 -17.03 7.46 -26.83
CA TRP A 51 -16.52 6.19 -27.34
C TRP A 51 -17.48 5.02 -27.16
N VAL A 52 -18.67 5.25 -26.61
CA VAL A 52 -19.75 4.28 -26.69
C VAL A 52 -20.96 4.81 -27.44
N GLU A 53 -20.99 6.10 -27.77
CA GLU A 53 -22.14 6.67 -28.47
C GLU A 53 -22.29 6.09 -29.87
N GLN A 54 -21.18 5.68 -30.49
CA GLN A 54 -21.21 5.09 -31.83
C GLN A 54 -21.44 3.59 -31.80
N GLU A 55 -21.59 2.98 -30.64
CA GLU A 55 -22.04 1.59 -30.60
C GLU A 55 -23.44 1.50 -31.18
N GLY A 56 -23.72 0.40 -31.87
CA GLY A 56 -24.94 0.27 -32.62
C GLY A 56 -26.13 -0.03 -31.75
N PRO A 57 -27.30 -0.18 -32.40
CA PRO A 57 -28.53 -0.43 -31.64
C PRO A 57 -28.56 -1.77 -30.92
N GLU A 58 -27.88 -2.80 -31.44
CA GLU A 58 -27.88 -4.08 -30.75
C GLU A 58 -27.14 -3.99 -29.41
N TYR A 59 -26.02 -3.27 -29.39
CA TYR A 59 -25.30 -3.05 -28.13
C TYR A 59 -26.19 -2.41 -27.08
N TRP A 60 -26.89 -1.33 -27.47
CA TRP A 60 -27.70 -0.60 -26.51
C TRP A 60 -28.97 -1.36 -26.15
N ASP A 61 -29.51 -2.15 -27.07
CA ASP A 61 -30.66 -2.98 -26.75
C ASP A 61 -30.30 -4.06 -25.75
N ARG A 62 -29.12 -4.68 -25.92
CA ARG A 62 -28.72 -5.74 -24.99
C ARG A 62 -28.35 -5.18 -23.63
N GLU A 63 -27.72 -4.01 -23.59
CA GLU A 63 -27.46 -3.34 -22.32
C GLU A 63 -28.76 -3.01 -21.61
N THR A 64 -29.73 -2.45 -22.34
CA THR A 64 -31.00 -2.07 -21.75
C THR A 64 -31.74 -3.27 -21.18
N GLN A 65 -31.73 -4.39 -21.91
CA GLN A 65 -32.40 -5.59 -21.43
C GLN A 65 -31.80 -6.07 -20.12
N LYS A 66 -30.47 -6.01 -19.98
CA LYS A 66 -29.84 -6.45 -18.74
C LYS A 66 -30.22 -5.53 -17.58
N TYR A 67 -30.22 -4.21 -17.81
CA TYR A 67 -30.60 -3.27 -16.75
C TYR A 67 -32.04 -3.49 -16.32
N LYS A 68 -32.95 -3.72 -17.27
CA LYS A 68 -34.35 -3.94 -16.92
C LYS A 68 -34.52 -5.19 -16.07
N ARG A 69 -33.85 -6.28 -16.45
CA ARG A 69 -33.93 -7.51 -15.67
C ARG A 69 -33.25 -7.35 -14.32
N GLN A 70 -32.14 -6.60 -14.27
CA GLN A 70 -31.46 -6.38 -13.00
C GLN A 70 -32.36 -5.59 -12.04
N ALA A 71 -33.08 -4.59 -12.55
CA ALA A 71 -33.99 -3.84 -11.69
C ALA A 71 -35.05 -4.76 -11.09
N GLN A 72 -35.59 -5.68 -11.88
CA GLN A 72 -36.62 -6.59 -11.35
C GLN A 72 -36.03 -7.51 -10.29
N THR A 73 -34.82 -8.01 -10.50
CA THR A 73 -34.20 -8.89 -9.51
C THR A 73 -33.88 -8.14 -8.23
N ASP A 74 -33.41 -6.89 -8.34
CA ASP A 74 -33.11 -6.10 -7.15
C ASP A 74 -34.37 -5.83 -6.33
N ARG A 75 -35.51 -5.67 -6.98
CA ARG A 75 -36.76 -5.49 -6.24
C ARG A 75 -37.06 -6.71 -5.37
N VAL A 76 -36.87 -7.91 -5.93
CA VAL A 76 -37.03 -9.13 -5.15
C VAL A 76 -36.01 -9.17 -4.01
N SER A 77 -34.76 -8.80 -4.30
CA SER A 77 -33.72 -8.79 -3.27
C SER A 77 -34.11 -7.87 -2.11
N LEU A 78 -34.59 -6.66 -2.43
CA LEU A 78 -34.99 -5.74 -1.37
C LEU A 78 -36.10 -6.33 -0.51
N ARG A 79 -37.06 -7.00 -1.13
CA ARG A 79 -38.14 -7.64 -0.38
C ARG A 79 -37.60 -8.75 0.51
N ASN A 80 -36.68 -9.57 -0.01
CA ASN A 80 -36.09 -10.63 0.81
C ASN A 80 -35.30 -10.06 1.97
N LEU A 81 -34.50 -9.03 1.72
CA LEU A 81 -33.69 -8.41 2.78
C LEU A 81 -34.57 -7.86 3.89
N ARG A 82 -35.69 -7.23 3.53
CA ARG A 82 -36.60 -6.73 4.56
C ARG A 82 -37.10 -7.87 5.43
N GLY A 83 -37.34 -9.04 4.83
CA GLY A 83 -37.72 -10.20 5.61
C GLY A 83 -36.58 -10.73 6.47
N TYR A 84 -35.36 -10.74 5.92
CA TYR A 84 -34.21 -11.22 6.68
C TYR A 84 -34.01 -10.42 7.96
N TYR A 85 -34.16 -9.10 7.87
CA TYR A 85 -33.97 -8.22 9.02
C TYR A 85 -35.26 -7.92 9.76
N ASN A 86 -36.37 -8.56 9.37
CA ASN A 86 -37.70 -8.31 9.93
C ASN A 86 -37.97 -6.81 10.06
N GLN A 87 -37.80 -6.10 8.95
CA GLN A 87 -38.04 -4.66 8.88
C GLN A 87 -39.44 -4.37 8.34
N SER A 88 -39.81 -3.10 8.38
CA SER A 88 -41.17 -2.67 8.05
C SER A 88 -41.30 -2.35 6.57
N GLU A 89 -42.53 -2.47 6.04
CA GLU A 89 -42.77 -1.92 4.71
C GLU A 89 -42.70 -0.41 4.73
N ALA A 90 -42.98 0.21 5.88
CA ALA A 90 -43.10 1.66 5.93
C ALA A 90 -41.76 2.38 5.76
N GLY A 91 -40.64 1.66 5.80
CA GLY A 91 -39.32 2.25 5.70
C GLY A 91 -38.70 1.98 4.33
N SER A 92 -37.98 2.98 3.82
CA SER A 92 -37.23 2.84 2.59
C SER A 92 -35.85 2.28 2.87
N HIS A 93 -35.35 1.43 1.97
CA HIS A 93 -34.06 0.78 2.16
C HIS A 93 -33.27 0.80 0.86
N THR A 94 -31.95 0.67 1.01
CA THR A 94 -31.01 0.84 -0.09
C THR A 94 -30.17 -0.42 -0.27
N LEU A 95 -30.13 -0.94 -1.49
CA LEU A 95 -29.25 -2.04 -1.86
C LEU A 95 -28.27 -1.51 -2.90
N GLN A 96 -26.98 -1.62 -2.61
CA GLN A 96 -25.94 -1.14 -3.51
C GLN A 96 -25.05 -2.30 -3.96
N ARG A 97 -24.61 -2.23 -5.21
CA ARG A 97 -23.72 -3.22 -5.78
C ARG A 97 -22.59 -2.52 -6.52
N MET A 98 -21.36 -2.96 -6.28
CA MET A 98 -20.22 -2.53 -7.07
C MET A 98 -19.49 -3.75 -7.59
N TYR A 99 -19.21 -3.76 -8.89
CA TYR A 99 -18.47 -4.86 -9.50
C TYR A 99 -17.64 -4.32 -10.66
N GLY A 100 -16.63 -5.10 -11.05
CA GLY A 100 -15.83 -4.73 -12.19
C GLY A 100 -14.51 -5.46 -12.20
N CYS A 101 -13.67 -5.06 -13.15
CA CYS A 101 -12.41 -5.74 -13.38
C CYS A 101 -11.27 -4.72 -13.47
N ASP A 102 -10.11 -5.13 -12.97
CA ASP A 102 -8.86 -4.39 -13.11
C ASP A 102 -8.00 -5.12 -14.14
N LEU A 103 -7.46 -4.36 -15.10
CA LEU A 103 -6.69 -4.95 -16.18
C LEU A 103 -5.24 -5.17 -15.77
N GLY A 104 -4.76 -6.40 -15.96
CA GLY A 104 -3.41 -6.77 -15.58
C GLY A 104 -2.39 -6.54 -16.68
N PRO A 105 -1.11 -6.66 -16.33
CA PRO A 105 -0.06 -6.37 -17.32
C PRO A 105 -0.08 -7.30 -18.51
N ASP A 106 -0.63 -8.51 -18.35
CA ASP A 106 -0.77 -9.46 -19.45
C ASP A 106 -2.04 -9.24 -20.27
N GLY A 107 -2.77 -8.16 -20.03
CA GLY A 107 -4.02 -7.92 -20.74
C GLY A 107 -5.17 -8.79 -20.30
N ARG A 108 -5.01 -9.53 -19.21
CA ARG A 108 -6.07 -10.32 -18.61
C ARG A 108 -6.37 -9.77 -17.21
N LEU A 109 -7.25 -10.46 -16.49
CA LEU A 109 -7.72 -9.96 -15.21
C LEU A 109 -6.58 -9.80 -14.22
N LEU A 110 -6.48 -8.61 -13.62
CA LEU A 110 -5.62 -8.42 -12.46
C LEU A 110 -6.38 -8.75 -11.18
N ARG A 111 -7.60 -8.23 -11.06
CA ARG A 111 -8.48 -8.61 -9.97
C ARG A 111 -9.92 -8.31 -10.39
N GLY A 112 -10.84 -9.13 -9.91
CA GLY A 112 -12.25 -8.87 -10.12
C GLY A 112 -12.93 -8.62 -8.79
N TYR A 113 -14.05 -7.91 -8.80
CA TYR A 113 -14.78 -7.64 -7.57
C TYR A 113 -16.28 -7.65 -7.86
N ASN A 114 -17.05 -7.94 -6.82
CA ASN A 114 -18.52 -7.96 -6.91
C ASN A 114 -19.00 -7.90 -5.46
N GLN A 115 -19.39 -6.70 -5.02
CA GLN A 115 -19.63 -6.39 -3.61
C GLN A 115 -20.99 -5.74 -3.45
N PHE A 116 -21.60 -5.97 -2.29
CA PHE A 116 -22.93 -5.47 -2.01
C PHE A 116 -22.97 -4.80 -0.64
N ALA A 117 -23.83 -3.79 -0.53
CA ALA A 117 -24.11 -3.15 0.75
C ALA A 117 -25.61 -2.96 0.88
N TYR A 118 -26.09 -3.07 2.13
CA TYR A 118 -27.49 -2.86 2.46
C TYR A 118 -27.57 -1.74 3.48
N ASP A 119 -28.35 -0.70 3.16
CA ASP A 119 -28.50 0.48 4.03
C ASP A 119 -27.14 1.02 4.47
N GLY A 120 -26.21 1.11 3.53
CA GLY A 120 -24.95 1.78 3.76
C GLY A 120 -23.86 0.94 4.42
N LYS A 121 -24.13 -0.32 4.75
CA LYS A 121 -23.15 -1.19 5.38
C LYS A 121 -22.86 -2.39 4.50
N ASP A 122 -21.61 -2.86 4.53
CA ASP A 122 -21.25 -4.10 3.86
C ASP A 122 -22.27 -5.19 4.15
N TYR A 123 -22.71 -5.88 3.10
CA TYR A 123 -23.65 -6.98 3.23
C TYR A 123 -22.98 -8.29 2.84
N ILE A 124 -22.59 -8.45 1.57
CA ILE A 124 -21.88 -9.64 1.13
C ILE A 124 -20.92 -9.24 0.02
N ALA A 125 -19.80 -9.96 -0.08
CA ALA A 125 -18.78 -9.63 -1.06
C ALA A 125 -18.19 -10.91 -1.64
N LEU A 126 -17.96 -10.90 -2.96
CA LEU A 126 -17.19 -11.96 -3.59
C LEU A 126 -15.73 -11.81 -3.20
N ASN A 127 -15.12 -12.89 -2.73
CA ASN A 127 -13.71 -12.86 -2.38
C ASN A 127 -12.86 -12.77 -3.63
N GLU A 128 -11.59 -12.37 -3.44
CA GLU A 128 -10.73 -12.16 -4.60
C GLU A 128 -10.48 -13.45 -5.37
N ASP A 129 -10.69 -14.62 -4.75
CA ASP A 129 -10.60 -15.86 -5.52
C ASP A 129 -11.75 -16.02 -6.51
N LEU A 130 -12.75 -15.14 -6.45
CA LEU A 130 -13.94 -15.19 -7.30
C LEU A 130 -14.67 -16.53 -7.19
N ARG A 131 -14.55 -17.19 -6.04
CA ARG A 131 -15.16 -18.51 -5.84
C ARG A 131 -15.97 -18.60 -4.56
N SER A 132 -15.60 -17.79 -3.56
CA SER A 132 -16.18 -17.85 -2.23
C SER A 132 -16.64 -16.47 -1.79
N TRP A 133 -17.50 -16.43 -0.77
CA TRP A 133 -18.16 -15.22 -0.32
C TRP A 133 -17.78 -14.87 1.12
N THR A 134 -17.82 -13.59 1.44
CA THR A 134 -17.68 -13.09 2.81
C THR A 134 -18.98 -12.39 3.19
N ALA A 135 -19.70 -12.97 4.14
CA ALA A 135 -20.95 -12.40 4.63
C ALA A 135 -20.68 -11.54 5.86
N ALA A 136 -21.39 -10.42 5.97
CA ALA A 136 -21.12 -9.47 7.05
C ALA A 136 -21.90 -9.78 8.32
N ASP A 137 -23.03 -10.46 8.23
CA ASP A 137 -23.81 -10.78 9.43
C ASP A 137 -24.62 -12.05 9.15
N LYS A 138 -25.48 -12.40 10.11
CA LYS A 138 -26.28 -13.62 9.97
C LYS A 138 -27.28 -13.52 8.82
N ALA A 139 -27.80 -12.33 8.55
CA ALA A 139 -28.74 -12.16 7.44
C ALA A 139 -28.06 -12.43 6.10
N ALA A 140 -26.86 -11.87 5.92
CA ALA A 140 -26.13 -12.11 4.67
C ALA A 140 -25.72 -13.56 4.52
N GLN A 141 -25.64 -14.32 5.62
CA GLN A 141 -25.32 -15.74 5.51
C GLN A 141 -26.45 -16.50 4.84
N ILE A 142 -27.70 -16.00 4.95
CA ILE A 142 -28.80 -16.60 4.21
C ILE A 142 -28.56 -16.45 2.71
N THR A 143 -28.22 -15.23 2.29
CA THR A 143 -27.87 -15.00 0.88
C THR A 143 -26.71 -15.87 0.45
N GLN A 144 -25.67 -15.97 1.28
CA GLN A 144 -24.49 -16.75 0.93
C GLN A 144 -24.87 -18.20 0.65
N ARG A 145 -25.66 -18.81 1.54
CA ARG A 145 -26.09 -20.19 1.30
C ARG A 145 -26.92 -20.30 0.03
N LYS A 146 -27.75 -19.31 -0.23
CA LYS A 146 -28.54 -19.30 -1.46
C LYS A 146 -27.64 -19.21 -2.69
N TRP A 147 -26.64 -18.33 -2.64
CA TRP A 147 -25.76 -18.14 -3.79
C TRP A 147 -24.78 -19.29 -3.95
N GLU A 148 -24.37 -19.92 -2.85
CA GLU A 148 -23.54 -21.12 -2.95
C GLU A 148 -24.31 -22.26 -3.62
N ALA A 149 -25.57 -22.46 -3.25
CA ALA A 149 -26.37 -23.51 -3.86
C ALA A 149 -26.58 -23.26 -5.34
N ALA A 150 -26.79 -22.00 -5.73
CA ALA A 150 -26.98 -21.64 -7.13
C ALA A 150 -25.69 -21.49 -7.90
N ARG A 151 -24.53 -21.59 -7.24
CA ARG A 151 -23.23 -21.36 -7.87
C ARG A 151 -23.15 -19.98 -8.52
N GLU A 152 -23.74 -18.99 -7.83
CA GLU A 152 -23.70 -17.61 -8.30
C GLU A 152 -22.28 -17.15 -8.58
N ALA A 153 -21.32 -17.58 -7.75
CA ALA A 153 -19.94 -17.12 -7.91
C ALA A 153 -19.35 -17.56 -9.24
N GLU A 154 -19.72 -18.76 -9.72
CA GLU A 154 -19.22 -19.20 -11.02
C GLU A 154 -19.79 -18.34 -12.14
N GLN A 155 -21.07 -17.96 -12.03
CA GLN A 155 -21.64 -17.06 -13.03
C GLN A 155 -20.92 -15.72 -13.04
N ARG A 156 -20.67 -15.15 -11.85
CA ARG A 156 -19.99 -13.85 -11.79
C ARG A 156 -18.54 -13.96 -12.24
N ARG A 157 -17.87 -15.04 -11.86
CA ARG A 157 -16.48 -15.23 -12.27
C ARG A 157 -16.35 -15.26 -13.79
N ALA A 158 -17.31 -15.88 -14.47
CA ALA A 158 -17.25 -15.98 -15.93
C ALA A 158 -17.31 -14.60 -16.58
N TYR A 159 -18.13 -13.70 -16.03
CA TYR A 159 -18.17 -12.33 -16.56
C TYR A 159 -16.90 -11.58 -16.21
N LEU A 160 -16.48 -11.66 -14.94
CA LEU A 160 -15.38 -10.81 -14.47
C LEU A 160 -14.06 -11.18 -15.16
N GLU A 161 -13.83 -12.48 -15.38
CA GLU A 161 -12.60 -12.91 -16.03
C GLU A 161 -12.66 -12.81 -17.55
N GLY A 162 -13.86 -12.79 -18.12
CA GLY A 162 -13.99 -12.85 -19.56
C GLY A 162 -14.59 -11.59 -20.15
N THR A 163 -15.92 -11.53 -20.13
CA THR A 163 -16.62 -10.42 -20.78
C THR A 163 -16.15 -9.06 -20.26
N CYS A 164 -15.97 -8.94 -18.94
CA CYS A 164 -15.58 -7.66 -18.36
C CYS A 164 -14.25 -7.17 -18.94
N VAL A 165 -13.25 -8.04 -18.95
CA VAL A 165 -11.94 -7.69 -19.48
C VAL A 165 -12.03 -7.32 -20.96
N GLU A 166 -12.83 -8.08 -21.73
CA GLU A 166 -12.91 -7.84 -23.17
C GLU A 166 -13.62 -6.52 -23.48
N TRP A 167 -14.68 -6.20 -22.72
CA TRP A 167 -15.30 -4.89 -22.87
C TRP A 167 -14.30 -3.79 -22.56
N LEU A 168 -13.58 -3.92 -21.44
CA LEU A 168 -12.63 -2.89 -21.01
C LEU A 168 -11.56 -2.66 -22.07
N ARG A 169 -11.03 -3.74 -22.65
CA ARG A 169 -10.00 -3.60 -23.68
C ARG A 169 -10.56 -2.92 -24.92
N ARG A 170 -11.79 -3.27 -25.31
CA ARG A 170 -12.42 -2.61 -26.45
C ARG A 170 -12.60 -1.12 -26.18
N TYR A 171 -13.11 -0.77 -24.99
CA TYR A 171 -13.31 0.63 -24.66
C TYR A 171 -11.99 1.40 -24.66
N LEU A 172 -10.95 0.83 -24.05
CA LEU A 172 -9.65 1.50 -24.01
C LEU A 172 -9.11 1.76 -25.40
N GLU A 173 -9.41 0.90 -26.37
CA GLU A 173 -8.93 1.14 -27.73
C GLU A 173 -9.79 2.18 -28.43
N ASN A 174 -11.12 2.07 -28.33
CA ASN A 174 -11.99 3.01 -29.02
C ASN A 174 -11.94 4.40 -28.40
N GLY A 175 -11.68 4.50 -27.10
CA GLY A 175 -11.53 5.78 -26.44
C GLY A 175 -10.08 6.08 -26.11
N LYS A 176 -9.18 5.59 -26.96
CA LYS A 176 -7.75 5.65 -26.69
C LYS A 176 -7.26 7.09 -26.51
N LYS A 177 -7.79 8.02 -27.29
CA LYS A 177 -7.22 9.37 -27.27
C LYS A 177 -7.59 10.15 -26.02
N THR A 178 -8.54 9.67 -25.22
CA THR A 178 -8.88 10.29 -23.94
C THR A 178 -8.59 9.41 -22.76
N LEU A 179 -8.87 8.11 -22.84
CA LEU A 179 -8.72 7.22 -21.69
C LEU A 179 -7.26 6.87 -21.42
N GLN A 180 -6.41 6.86 -22.45
CA GLN A 180 -5.01 6.49 -22.29
C GLN A 180 -4.08 7.69 -22.38
N ARG A 181 -4.61 8.91 -22.30
CA ARG A 181 -3.83 10.14 -22.33
C ARG A 181 -4.08 10.90 -21.04
N ALA A 182 -3.08 10.94 -20.16
CA ALA A 182 -3.21 11.67 -18.92
C ALA A 182 -3.15 13.17 -19.18
N GLU A 183 -3.97 13.92 -18.45
CA GLU A 183 -4.01 15.38 -18.55
C GLU A 183 -3.31 15.94 -17.32
N HIS A 184 -2.15 16.58 -17.54
CA HIS A 184 -1.35 17.06 -16.43
C HIS A 184 -2.06 18.20 -15.70
N PRO A 185 -1.87 18.32 -14.39
CA PRO A 185 -2.49 19.43 -13.67
C PRO A 185 -1.82 20.75 -13.99
N LYS A 186 -2.66 21.77 -14.19
CA LYS A 186 -2.18 23.14 -14.31
C LYS A 186 -2.20 23.77 -12.92
N THR A 187 -1.07 24.32 -12.51
CA THR A 187 -0.82 24.66 -11.12
C THR A 187 -0.45 26.12 -10.96
N HIS A 188 -0.79 26.68 -9.79
CA HIS A 188 -0.37 28.01 -9.38
C HIS A 188 -0.62 28.16 -7.89
N VAL A 189 -0.01 29.18 -7.30
CA VAL A 189 -0.09 29.43 -5.87
C VAL A 189 -0.72 30.79 -5.64
N THR A 190 -1.71 30.86 -4.76
CA THR A 190 -2.35 32.11 -4.39
C THR A 190 -1.98 32.47 -2.96
N HIS A 191 -2.14 33.75 -2.64
CA HIS A 191 -1.66 34.33 -1.38
C HIS A 191 -2.77 35.19 -0.78
N HIS A 192 -3.16 34.89 0.45
CA HIS A 192 -4.24 35.61 1.12
C HIS A 192 -3.88 35.88 2.57
N PRO A 193 -3.62 37.14 2.95
CA PRO A 193 -3.41 37.45 4.37
C PRO A 193 -4.69 37.21 5.16
N VAL A 194 -4.57 36.49 6.27
CA VAL A 194 -5.72 36.12 7.09
C VAL A 194 -5.66 36.79 8.46
N SER A 195 -4.51 36.72 9.11
CA SER A 195 -4.18 37.63 10.17
C SER A 195 -3.11 38.54 9.64
N ASP A 196 -2.39 39.15 10.56
CA ASP A 196 -1.68 40.37 10.24
C ASP A 196 -0.19 40.19 10.46
N HIS A 197 0.21 39.00 10.91
CA HIS A 197 1.55 38.51 10.67
C HIS A 197 1.51 37.16 9.98
N GLU A 198 0.35 36.80 9.42
CA GLU A 198 0.11 35.51 8.80
C GLU A 198 -0.57 35.71 7.44
N ALA A 199 -0.42 34.69 6.59
CA ALA A 199 -1.04 34.70 5.28
C ALA A 199 -1.20 33.26 4.82
N THR A 200 -2.29 33.00 4.10
CA THR A 200 -2.57 31.67 3.58
C THR A 200 -1.93 31.54 2.19
N LEU A 201 -1.05 30.56 2.04
CA LEU A 201 -0.56 30.12 0.74
C LEU A 201 -1.42 28.94 0.29
N ARG A 202 -2.02 29.05 -0.89
CA ARG A 202 -2.88 28.00 -1.41
C ARG A 202 -2.33 27.52 -2.75
N CYS A 203 -2.04 26.23 -2.83
CA CYS A 203 -1.48 25.61 -4.02
C CYS A 203 -2.60 24.89 -4.77
N TRP A 204 -2.82 25.29 -6.02
CA TRP A 204 -3.95 24.84 -6.82
C TRP A 204 -3.51 23.83 -7.89
N ALA A 205 -4.33 22.80 -8.11
CA ALA A 205 -4.15 21.89 -9.23
C ALA A 205 -5.48 21.77 -9.96
N LEU A 206 -5.50 22.17 -11.23
CA LEU A 206 -6.74 22.27 -12.00
C LEU A 206 -6.62 21.53 -13.31
N GLY A 207 -7.75 20.96 -13.75
CA GLY A 207 -7.85 20.39 -15.08
C GLY A 207 -7.07 19.11 -15.30
N PHE A 208 -6.82 18.32 -14.26
CA PHE A 208 -6.05 17.11 -14.42
C PHE A 208 -6.96 15.88 -14.54
N TYR A 209 -6.45 14.85 -15.22
CA TYR A 209 -7.09 13.55 -15.39
C TYR A 209 -5.94 12.53 -15.45
N PRO A 210 -6.05 11.40 -14.73
CA PRO A 210 -7.16 10.99 -13.88
C PRO A 210 -7.16 11.71 -12.53
N ALA A 211 -8.05 11.31 -11.61
CA ALA A 211 -8.28 12.06 -10.38
C ALA A 211 -7.15 11.89 -9.36
N GLU A 212 -6.40 10.79 -9.43
CA GLU A 212 -5.36 10.54 -8.45
C GLU A 212 -4.30 11.65 -8.49
N ILE A 213 -4.05 12.29 -7.34
CA ILE A 213 -3.06 13.35 -7.26
C ILE A 213 -2.61 13.47 -5.82
N THR A 214 -1.42 14.05 -5.62
CA THR A 214 -0.92 14.31 -4.28
C THR A 214 -0.33 15.71 -4.25
N LEU A 215 -0.77 16.51 -3.28
CA LEU A 215 -0.31 17.88 -3.09
C LEU A 215 0.30 18.00 -1.70
N THR A 216 1.51 18.53 -1.62
CA THR A 216 2.24 18.59 -0.37
C THR A 216 2.91 19.96 -0.23
N TRP A 217 2.85 20.52 0.98
CA TRP A 217 3.55 21.74 1.33
C TRP A 217 4.76 21.40 2.19
N GLN A 218 5.88 22.08 1.93
CA GLN A 218 7.11 21.92 2.68
C GLN A 218 7.61 23.28 3.12
N ARG A 219 8.12 23.39 4.35
CA ARG A 219 8.62 24.68 4.83
C ARG A 219 10.12 24.83 4.55
N ASP A 220 10.94 23.93 5.08
CA ASP A 220 12.36 24.01 4.81
C ASP A 220 12.86 22.66 4.32
N GLY A 221 12.15 22.10 3.34
CA GLY A 221 12.41 20.77 2.87
C GLY A 221 11.70 19.68 3.63
N GLU A 222 11.12 20.00 4.79
CA GLU A 222 10.40 19.02 5.59
C GLU A 222 8.90 19.27 5.45
N ASP A 223 8.15 18.18 5.34
CA ASP A 223 6.72 18.26 5.07
C ASP A 223 6.00 19.00 6.18
N GLN A 224 5.09 19.89 5.78
CA GLN A 224 4.21 20.58 6.71
C GLN A 224 2.86 19.88 6.82
N THR A 225 2.87 18.55 6.89
CA THR A 225 1.65 17.77 6.78
C THR A 225 0.64 18.13 7.87
N GLN A 226 1.10 18.33 9.10
CA GLN A 226 0.20 18.56 10.21
C GLN A 226 -0.46 19.94 10.17
N ASP A 227 0.06 20.87 9.38
CA ASP A 227 -0.51 22.21 9.28
C ASP A 227 -1.09 22.50 7.90
N THR A 228 -1.30 21.48 7.07
CA THR A 228 -1.80 21.66 5.71
C THR A 228 -3.27 21.29 5.67
N GLU A 229 -4.11 22.22 5.21
CA GLU A 229 -5.50 21.92 4.94
C GLU A 229 -5.65 21.43 3.49
N LEU A 230 -6.26 20.27 3.34
CA LEU A 230 -6.54 19.69 2.02
C LEU A 230 -8.05 19.55 1.85
N VAL A 231 -8.53 19.88 0.66
CA VAL A 231 -9.89 19.56 0.28
C VAL A 231 -9.86 18.27 -0.54
N GLU A 232 -10.99 17.57 -0.53
CA GLU A 232 -11.11 16.36 -1.33
C GLU A 232 -11.07 16.72 -2.81
N THR A 233 -10.44 15.87 -3.61
CA THR A 233 -10.44 16.03 -5.04
C THR A 233 -11.87 16.09 -5.55
N ARG A 234 -12.13 17.04 -6.45
CA ARG A 234 -13.49 17.35 -6.84
C ARG A 234 -13.59 17.49 -8.35
N PRO A 235 -14.75 17.19 -8.93
CA PRO A 235 -14.89 17.27 -10.39
C PRO A 235 -15.08 18.71 -10.86
N ALA A 236 -14.40 19.04 -11.96
CA ALA A 236 -14.56 20.33 -12.59
C ALA A 236 -15.87 20.43 -13.37
N GLY A 237 -16.43 19.29 -13.78
CA GLY A 237 -17.64 19.26 -14.57
C GLY A 237 -17.42 18.98 -16.04
N ASP A 238 -16.18 19.00 -16.50
CA ASP A 238 -15.84 18.78 -17.90
C ASP A 238 -15.05 17.49 -18.12
N GLY A 239 -15.02 16.61 -17.12
CA GLY A 239 -14.23 15.40 -17.18
C GLY A 239 -12.91 15.48 -16.45
N THR A 240 -12.48 16.66 -16.01
CA THR A 240 -11.24 16.83 -15.27
C THR A 240 -11.55 17.10 -13.80
N PHE A 241 -10.50 17.19 -12.99
CA PHE A 241 -10.63 17.29 -11.54
C PHE A 241 -9.81 18.46 -11.01
N GLN A 242 -10.10 18.84 -9.76
CA GLN A 242 -9.43 19.94 -9.07
C GLN A 242 -9.10 19.54 -7.65
N LYS A 243 -8.07 20.18 -7.09
CA LYS A 243 -7.70 20.01 -5.70
C LYS A 243 -6.78 21.15 -5.30
N TRP A 244 -6.82 21.52 -4.02
CA TRP A 244 -5.85 22.49 -3.51
C TRP A 244 -5.45 22.13 -2.08
N ALA A 245 -4.30 22.68 -1.69
CA ALA A 245 -3.72 22.52 -0.36
C ALA A 245 -3.25 23.88 0.14
N ALA A 246 -3.57 24.20 1.40
CA ALA A 246 -3.27 25.51 1.94
C ALA A 246 -2.55 25.39 3.28
N VAL A 247 -1.68 26.36 3.54
CA VAL A 247 -1.02 26.51 4.83
C VAL A 247 -1.01 27.98 5.21
N VAL A 248 -1.06 28.25 6.51
CA VAL A 248 -0.97 29.60 7.04
C VAL A 248 0.47 29.83 7.48
N VAL A 249 1.13 30.80 6.87
CA VAL A 249 2.55 31.03 7.09
C VAL A 249 2.77 32.44 7.63
N PRO A 250 3.84 32.68 8.37
CA PRO A 250 4.09 34.05 8.87
C PRO A 250 4.49 34.99 7.75
N SER A 251 3.93 36.20 7.79
CA SER A 251 4.22 37.21 6.78
C SER A 251 5.71 37.51 6.74
N GLY A 252 6.30 37.38 5.55
CA GLY A 252 7.73 37.52 5.38
C GLY A 252 8.49 36.22 5.22
N GLU A 253 7.85 35.09 5.53
CA GLU A 253 8.46 33.77 5.40
C GLU A 253 7.92 32.99 4.21
N GLU A 254 7.24 33.66 3.28
CA GLU A 254 6.58 32.95 2.19
C GLU A 254 7.59 32.21 1.32
N GLN A 255 8.73 32.85 1.02
CA GLN A 255 9.73 32.27 0.14
C GLN A 255 10.35 31.00 0.70
N ARG A 256 10.04 30.63 1.94
CA ARG A 256 10.54 29.37 2.46
C ARG A 256 9.69 28.19 1.97
N TYR A 257 8.41 28.41 1.71
CA TYR A 257 7.46 27.33 1.47
C TYR A 257 7.44 26.91 0.01
N THR A 258 7.39 25.59 -0.22
CA THR A 258 7.31 25.01 -1.55
C THR A 258 6.17 24.00 -1.61
N CYS A 259 5.40 24.04 -2.69
CA CYS A 259 4.34 23.08 -2.93
C CYS A 259 4.80 22.04 -3.95
N HIS A 260 4.49 20.78 -3.69
CA HIS A 260 4.98 19.66 -4.49
C HIS A 260 3.79 18.90 -5.09
N VAL A 261 3.87 18.62 -6.37
CA VAL A 261 2.75 18.05 -7.14
C VAL A 261 3.21 16.75 -7.79
N GLN A 262 2.51 15.67 -7.49
CA GLN A 262 2.73 14.39 -8.15
C GLN A 262 1.46 13.99 -8.88
N HIS A 263 1.59 13.68 -10.17
CA HIS A 263 0.46 13.26 -10.99
C HIS A 263 0.99 12.47 -12.18
N GLU A 264 0.13 11.60 -12.72
CA GLU A 264 0.52 10.74 -13.84
C GLU A 264 0.89 11.55 -15.07
N GLY A 265 0.20 12.67 -15.31
CA GLY A 265 0.48 13.49 -16.46
C GLY A 265 1.76 14.30 -16.37
N LEU A 266 2.48 14.22 -15.25
CA LEU A 266 3.70 14.98 -15.07
C LEU A 266 4.90 14.07 -15.28
N PRO A 267 5.82 14.39 -16.21
CA PRO A 267 7.02 13.57 -16.34
C PRO A 267 7.84 13.49 -15.07
N GLU A 268 7.91 14.57 -14.31
CA GLU A 268 8.59 14.62 -13.02
C GLU A 268 7.74 15.42 -12.04
N PRO A 269 7.87 15.15 -10.74
CA PRO A 269 7.10 15.92 -9.76
C PRO A 269 7.40 17.41 -9.86
N LEU A 270 6.39 18.22 -9.57
CA LEU A 270 6.47 19.67 -9.68
C LEU A 270 6.82 20.30 -8.34
N THR A 271 7.50 21.43 -8.40
CA THR A 271 7.79 22.25 -7.22
C THR A 271 7.40 23.68 -7.52
N LEU A 272 6.50 24.22 -6.71
CA LEU A 272 6.02 25.58 -6.88
C LEU A 272 6.29 26.40 -5.64
N ARG A 273 6.50 27.70 -5.84
CA ARG A 273 6.68 28.64 -4.75
C ARG A 273 5.87 29.90 -5.04
N TRP A 274 5.68 30.70 -4.00
CA TRP A 274 4.95 31.95 -4.13
C TRP A 274 5.88 33.08 -4.60
N ILE B 1 -27.42 2.87 8.91
CA ILE B 1 -26.40 3.90 9.03
C ILE B 1 -26.81 5.13 8.21
N GLN B 2 -26.38 6.30 8.67
CA GLN B 2 -26.60 7.56 7.97
C GLN B 2 -25.31 8.37 7.99
N ARG B 3 -25.07 9.10 6.90
CA ARG B 3 -23.86 9.91 6.76
C ARG B 3 -24.25 11.30 6.27
N THR B 4 -23.66 12.33 6.88
CA THR B 4 -23.90 13.72 6.54
C THR B 4 -23.12 14.11 5.29
N PRO B 5 -23.73 14.85 4.36
CA PRO B 5 -23.01 15.26 3.17
C PRO B 5 -21.92 16.27 3.47
N LYS B 6 -20.77 16.09 2.83
CA LYS B 6 -19.78 17.15 2.69
C LYS B 6 -20.13 17.99 1.47
N ILE B 7 -19.84 19.29 1.54
CA ILE B 7 -20.27 20.24 0.53
C ILE B 7 -19.08 21.08 0.10
N GLN B 8 -18.82 21.14 -1.21
CA GLN B 8 -17.87 22.08 -1.79
C GLN B 8 -18.57 22.87 -2.88
N VAL B 9 -18.44 24.19 -2.85
CA VAL B 9 -18.99 25.08 -3.86
C VAL B 9 -17.83 25.85 -4.48
N TYR B 10 -17.77 25.85 -5.82
CA TYR B 10 -16.60 26.34 -6.53
C TYR B 10 -16.98 26.55 -7.99
N SER B 11 -16.06 27.16 -8.73
CA SER B 11 -16.23 27.39 -10.16
C SER B 11 -15.40 26.39 -10.93
N ARG B 12 -15.84 26.10 -12.17
CA ARG B 12 -15.08 25.20 -13.02
C ARG B 12 -13.74 25.81 -13.39
N HIS B 13 -13.71 27.10 -13.66
CA HIS B 13 -12.51 27.85 -13.99
C HIS B 13 -12.29 28.95 -12.97
N PRO B 14 -11.05 29.42 -12.79
CA PRO B 14 -10.81 30.55 -11.90
C PRO B 14 -11.73 31.71 -12.26
N ALA B 15 -12.40 32.26 -11.24
CA ALA B 15 -13.44 33.24 -11.45
C ALA B 15 -12.85 34.54 -11.96
N GLU B 16 -13.45 35.07 -13.03
CA GLU B 16 -13.14 36.40 -13.54
C GLU B 16 -14.45 37.13 -13.76
N ASN B 17 -14.58 38.30 -13.14
CA ASN B 17 -15.82 39.07 -13.24
C ASN B 17 -16.13 39.41 -14.70
N GLY B 18 -17.33 39.07 -15.14
CA GLY B 18 -17.79 39.40 -16.47
C GLY B 18 -17.65 38.29 -17.49
N LYS B 19 -16.96 37.20 -17.17
CA LYS B 19 -16.78 36.11 -18.11
C LYS B 19 -17.52 34.85 -17.64
N SER B 20 -18.15 34.18 -18.60
CA SER B 20 -18.99 33.03 -18.30
C SER B 20 -18.19 31.89 -17.69
N ASN B 21 -18.84 31.15 -16.80
CA ASN B 21 -18.21 30.08 -16.04
C ASN B 21 -19.27 29.04 -15.69
N PHE B 22 -18.91 28.07 -14.86
CA PHE B 22 -19.86 27.10 -14.33
C PHE B 22 -19.74 27.10 -12.82
N LEU B 23 -20.89 27.24 -12.14
CA LEU B 23 -20.94 27.19 -10.68
C LEU B 23 -21.25 25.76 -10.25
N ASN B 24 -20.37 25.18 -9.45
CA ASN B 24 -20.45 23.79 -9.05
C ASN B 24 -20.76 23.66 -7.57
N CYS B 25 -21.66 22.73 -7.23
CA CYS B 25 -21.86 22.31 -5.85
C CYS B 25 -21.68 20.81 -5.80
N TYR B 26 -20.58 20.37 -5.19
CA TYR B 26 -20.23 18.96 -5.12
C TYR B 26 -20.59 18.42 -3.75
N VAL B 27 -21.59 17.54 -3.69
CA VAL B 27 -22.04 16.94 -2.43
C VAL B 27 -21.61 15.48 -2.42
N SER B 28 -20.97 15.08 -1.32
CA SER B 28 -20.32 13.78 -1.25
C SER B 28 -20.46 13.22 0.16
N GLY B 29 -20.14 11.94 0.28
CA GLY B 29 -20.05 11.29 1.58
C GLY B 29 -21.35 11.13 2.33
N PHE B 30 -22.49 11.14 1.65
CA PHE B 30 -23.78 11.07 2.33
C PHE B 30 -24.47 9.74 2.07
N HIS B 31 -25.41 9.42 2.97
CA HIS B 31 -26.24 8.22 2.94
C HIS B 31 -27.44 8.46 3.84
N PRO B 32 -28.67 8.15 3.40
CA PRO B 32 -29.03 7.55 2.11
C PRO B 32 -28.99 8.51 0.92
N SER B 33 -29.45 8.04 -0.24
CA SER B 33 -29.25 8.75 -1.51
C SER B 33 -30.19 9.93 -1.71
N ASP B 34 -31.34 9.94 -1.03
CA ASP B 34 -32.29 11.05 -1.19
C ASP B 34 -31.69 12.35 -0.64
N ILE B 35 -31.57 13.35 -1.49
CA ILE B 35 -30.98 14.64 -1.13
C ILE B 35 -31.57 15.71 -2.01
N GLU B 36 -31.65 16.92 -1.48
CA GLU B 36 -32.14 18.09 -2.21
C GLU B 36 -31.06 19.16 -2.21
N VAL B 37 -30.72 19.63 -3.41
CA VAL B 37 -29.62 20.58 -3.59
C VAL B 37 -30.11 21.71 -4.48
N ASP B 38 -30.01 22.94 -3.98
CA ASP B 38 -30.40 24.12 -4.74
C ASP B 38 -29.22 25.08 -4.83
N LEU B 39 -29.04 25.66 -6.01
CA LEU B 39 -28.05 26.72 -6.22
C LEU B 39 -28.76 28.06 -6.10
N LEU B 40 -28.18 28.96 -5.30
CA LEU B 40 -28.81 30.23 -4.98
C LEU B 40 -28.00 31.39 -5.56
N LYS B 41 -28.71 32.36 -6.12
CA LYS B 41 -28.13 33.62 -6.56
C LYS B 41 -28.80 34.74 -5.77
N ASN B 42 -28.03 35.40 -4.92
CA ASN B 42 -28.55 36.46 -4.05
C ASN B 42 -29.74 35.96 -3.23
N GLY B 43 -29.62 34.73 -2.73
CA GLY B 43 -30.63 34.14 -1.87
C GLY B 43 -31.80 33.50 -2.58
N GLU B 44 -31.89 33.59 -3.90
CA GLU B 44 -33.02 33.05 -4.65
C GLU B 44 -32.56 31.85 -5.47
N ARG B 45 -33.43 30.85 -5.57
CA ARG B 45 -33.05 29.59 -6.20
C ARG B 45 -32.88 29.76 -7.70
N ILE B 46 -31.78 29.23 -8.23
CA ILE B 46 -31.50 29.27 -9.66
C ILE B 46 -32.27 28.16 -10.35
N GLU B 47 -32.86 28.47 -11.50
CA GLU B 47 -33.67 27.54 -12.27
C GLU B 47 -32.80 26.71 -13.22
N LYS B 48 -33.32 25.54 -13.59
CA LYS B 48 -32.70 24.67 -14.59
C LYS B 48 -31.26 24.31 -14.20
N VAL B 49 -31.09 23.83 -12.97
CA VAL B 49 -29.80 23.32 -12.51
C VAL B 49 -29.74 21.83 -12.81
N GLU B 50 -28.67 21.41 -13.48
CA GLU B 50 -28.47 20.00 -13.81
C GLU B 50 -27.63 19.33 -12.72
N HIS B 51 -27.60 17.99 -12.76
CA HIS B 51 -26.74 17.25 -11.84
C HIS B 51 -26.27 15.97 -12.50
N SER B 52 -25.14 15.47 -12.03
CA SER B 52 -24.57 14.23 -12.53
C SER B 52 -25.43 13.04 -12.10
N ASP B 53 -25.09 11.87 -12.63
CA ASP B 53 -25.81 10.65 -12.30
C ASP B 53 -25.34 10.11 -10.95
N LEU B 54 -26.28 9.60 -10.16
CA LEU B 54 -25.98 9.10 -8.83
C LEU B 54 -24.91 8.02 -8.87
N SER B 55 -23.80 8.26 -8.18
CA SER B 55 -22.73 7.28 -8.02
C SER B 55 -22.35 7.25 -6.54
N PHE B 56 -21.41 6.37 -6.19
CA PHE B 56 -21.00 6.29 -4.80
C PHE B 56 -19.55 5.83 -4.73
N SER B 57 -18.97 6.05 -3.56
CA SER B 57 -17.57 5.81 -3.33
C SER B 57 -17.35 4.43 -2.73
N LYS B 58 -16.13 4.21 -2.26
CA LYS B 58 -15.70 2.89 -1.83
C LYS B 58 -16.31 2.52 -0.49
N ASP B 59 -16.55 3.51 0.36
CA ASP B 59 -17.28 3.30 1.62
C ASP B 59 -18.79 3.28 1.44
N TRP B 60 -19.27 3.24 0.19
CA TRP B 60 -20.67 3.19 -0.23
C TRP B 60 -21.36 4.55 -0.15
N SER B 61 -20.69 5.59 0.34
CA SER B 61 -21.34 6.90 0.43
C SER B 61 -21.50 7.50 -0.96
N PHE B 62 -22.60 8.23 -1.16
CA PHE B 62 -22.98 8.77 -2.46
C PHE B 62 -22.29 10.11 -2.72
N TYR B 63 -22.19 10.45 -4.01
CA TYR B 63 -21.73 11.77 -4.40
C TYR B 63 -22.44 12.23 -5.65
N LEU B 64 -22.67 13.55 -5.73
CA LEU B 64 -23.39 14.18 -6.82
C LEU B 64 -22.76 15.54 -7.07
N LEU B 65 -22.80 15.98 -8.32
CA LEU B 65 -22.34 17.30 -8.72
C LEU B 65 -23.50 18.06 -9.32
N TYR B 66 -23.85 19.19 -8.71
CA TYR B 66 -24.84 20.10 -9.26
C TYR B 66 -24.11 21.29 -9.89
N TYR B 67 -24.62 21.77 -11.01
CA TYR B 67 -23.88 22.77 -11.76
C TYR B 67 -24.83 23.58 -12.65
N THR B 68 -24.40 24.80 -12.97
CA THR B 68 -25.16 25.67 -13.86
C THR B 68 -24.23 26.71 -14.44
N GLU B 69 -24.60 27.21 -15.63
CA GLU B 69 -23.88 28.31 -16.24
C GLU B 69 -24.12 29.59 -15.45
N PHE B 70 -23.06 30.38 -15.26
CA PHE B 70 -23.21 31.67 -14.60
C PHE B 70 -22.04 32.57 -14.96
N THR B 71 -22.27 33.86 -14.83
CA THR B 71 -21.25 34.88 -15.06
C THR B 71 -21.04 35.65 -13.78
N PRO B 72 -19.95 35.42 -13.05
CA PRO B 72 -19.77 36.07 -11.76
C PRO B 72 -19.51 37.56 -11.90
N THR B 73 -20.01 38.32 -10.94
CA THR B 73 -19.76 39.74 -10.81
C THR B 73 -19.14 40.02 -9.45
N GLU B 74 -18.91 41.31 -9.16
CA GLU B 74 -18.21 41.66 -7.93
C GLU B 74 -19.07 41.41 -6.70
N LYS B 75 -20.37 41.70 -6.80
CA LYS B 75 -21.25 41.67 -5.63
C LYS B 75 -22.43 40.72 -5.77
N ASP B 76 -22.47 39.91 -6.83
CA ASP B 76 -23.47 38.84 -6.88
C ASP B 76 -23.03 37.72 -5.95
N GLU B 77 -23.92 37.32 -5.05
CA GLU B 77 -23.62 36.33 -4.03
C GLU B 77 -24.26 34.99 -4.41
N TYR B 78 -23.44 33.94 -4.51
CA TYR B 78 -23.91 32.62 -4.87
C TYR B 78 -23.66 31.65 -3.73
N ALA B 79 -24.54 30.66 -3.62
CA ALA B 79 -24.45 29.68 -2.54
C ALA B 79 -25.10 28.37 -2.99
N CYS B 80 -24.96 27.35 -2.15
CA CYS B 80 -25.57 26.05 -2.37
C CYS B 80 -26.32 25.64 -1.12
N ARG B 81 -27.59 25.30 -1.26
CA ARG B 81 -28.46 24.91 -0.16
C ARG B 81 -28.76 23.42 -0.28
N VAL B 82 -28.39 22.66 0.75
CA VAL B 82 -28.51 21.20 0.74
C VAL B 82 -29.39 20.79 1.91
N ASN B 83 -30.37 19.92 1.66
CA ASN B 83 -31.10 19.29 2.75
C ASN B 83 -31.11 17.78 2.59
N HIS B 84 -31.01 17.11 3.73
CA HIS B 84 -30.78 15.67 3.84
C HIS B 84 -31.36 15.25 5.18
N VAL B 85 -31.68 13.96 5.31
CA VAL B 85 -32.26 13.49 6.55
C VAL B 85 -31.31 13.73 7.73
N THR B 86 -30.00 13.79 7.46
CA THR B 86 -29.02 14.04 8.51
C THR B 86 -28.93 15.51 8.91
N LEU B 87 -29.64 16.40 8.23
CA LEU B 87 -29.54 17.84 8.46
C LEU B 87 -30.86 18.35 9.04
N SER B 88 -30.79 18.88 10.26
CA SER B 88 -31.98 19.45 10.89
C SER B 88 -32.48 20.66 10.12
N GLN B 89 -31.58 21.55 9.73
CA GLN B 89 -31.85 22.64 8.80
C GLN B 89 -31.06 22.44 7.53
N PRO B 90 -31.51 23.00 6.41
CA PRO B 90 -30.65 23.06 5.22
C PRO B 90 -29.32 23.72 5.56
N LYS B 91 -28.24 23.11 5.08
CA LYS B 91 -26.92 23.73 5.20
C LYS B 91 -26.67 24.58 3.97
N ILE B 92 -26.26 25.82 4.19
CA ILE B 92 -26.02 26.78 3.12
C ILE B 92 -24.54 27.12 3.10
N VAL B 93 -23.87 26.78 2.01
CA VAL B 93 -22.44 27.05 1.83
C VAL B 93 -22.31 28.13 0.76
N LYS B 94 -21.75 29.27 1.14
CA LYS B 94 -21.53 30.38 0.22
C LYS B 94 -20.34 30.09 -0.69
N TRP B 95 -20.42 30.61 -1.92
CA TRP B 95 -19.32 30.47 -2.86
C TRP B 95 -18.23 31.49 -2.54
N ASP B 96 -16.99 31.02 -2.44
CA ASP B 96 -15.81 31.86 -2.22
C ASP B 96 -14.85 31.60 -3.38
N ARG B 97 -14.65 32.60 -4.23
CA ARG B 97 -13.88 32.39 -5.45
C ARG B 97 -12.42 32.04 -5.17
N ASP B 98 -11.94 32.23 -3.94
CA ASP B 98 -10.59 31.83 -3.57
C ASP B 98 -10.52 30.40 -3.05
N MET B 99 -11.60 29.63 -3.17
CA MET B 99 -11.61 28.25 -2.68
C MET B 99 -12.27 27.28 -3.67
N GLY C 1 -19.73 -2.81 -20.88
CA GLY C 1 -20.77 -3.82 -21.00
C GLY C 1 -21.11 -4.44 -19.67
N ALA C 2 -22.38 -4.38 -19.30
CA ALA C 2 -22.82 -4.81 -17.98
C ALA C 2 -22.84 -6.33 -17.86
N ASP C 3 -22.71 -6.81 -16.63
CA ASP C 3 -22.88 -8.22 -16.34
C ASP C 3 -24.33 -8.63 -16.58
N GLY C 4 -24.53 -9.93 -16.82
CA GLY C 4 -25.85 -10.51 -16.82
C GLY C 4 -26.46 -10.47 -15.43
N VAL C 5 -27.56 -11.21 -15.27
CA VAL C 5 -28.37 -11.14 -14.06
C VAL C 5 -28.45 -12.50 -13.41
N GLY C 6 -28.03 -12.57 -12.14
CA GLY C 6 -28.03 -13.80 -11.39
C GLY C 6 -29.11 -13.88 -10.33
N LYS C 7 -28.83 -14.55 -9.22
CA LYS C 7 -29.83 -14.81 -8.20
C LYS C 7 -30.12 -13.56 -7.37
N SER C 8 -31.37 -13.41 -6.96
CA SER C 8 -31.69 -12.39 -5.98
C SER C 8 -31.08 -12.77 -4.63
N ALA C 9 -30.91 -11.77 -3.77
CA ALA C 9 -30.35 -12.00 -2.45
C ALA C 9 -31.32 -12.84 -1.60
N ALA D 5 22.02 20.13 10.82
CA ALA D 5 23.01 19.57 9.90
C ALA D 5 22.61 18.19 9.41
N LYS D 6 21.69 18.14 8.46
CA LYS D 6 21.32 16.85 7.92
C LYS D 6 22.45 16.29 7.06
N THR D 7 22.44 14.97 6.91
CA THR D 7 23.46 14.22 6.21
C THR D 7 22.92 13.78 4.85
N THR D 8 23.84 13.62 3.89
CA THR D 8 23.54 12.96 2.63
C THR D 8 24.67 12.00 2.31
N GLN D 9 24.33 10.85 1.73
CA GLN D 9 25.31 9.80 1.48
C GLN D 9 24.86 9.02 0.25
N PRO D 10 25.76 8.25 -0.37
CA PRO D 10 25.36 7.49 -1.56
C PRO D 10 24.24 6.52 -1.27
N ILE D 11 23.46 6.21 -2.30
CA ILE D 11 22.40 5.23 -2.13
C ILE D 11 22.97 3.85 -1.84
N SER D 12 24.10 3.52 -2.45
CA SER D 12 24.62 2.16 -2.32
C SER D 12 26.11 2.16 -2.56
N VAL D 13 26.76 1.12 -2.03
CA VAL D 13 28.17 0.83 -2.29
C VAL D 13 28.28 -0.67 -2.53
N ASP D 14 29.00 -1.05 -3.57
CA ASP D 14 29.26 -2.45 -3.90
C ASP D 14 30.72 -2.78 -3.57
N SER D 15 30.96 -4.03 -3.16
CA SER D 15 32.29 -4.42 -2.69
C SER D 15 32.49 -5.92 -2.85
N TYR D 16 33.75 -6.34 -2.73
CA TYR D 16 34.12 -7.75 -2.68
C TYR D 16 34.77 -8.07 -1.33
N GLU D 17 34.65 -9.33 -0.91
CA GLU D 17 35.24 -9.77 0.36
C GLU D 17 36.73 -9.48 0.39
N GLY D 18 37.21 -9.03 1.55
CA GLY D 18 38.62 -8.79 1.77
C GLY D 18 39.10 -7.40 1.41
N GLN D 19 38.27 -6.58 0.77
CA GLN D 19 38.71 -5.24 0.39
C GLN D 19 38.37 -4.25 1.50
N GLU D 20 39.05 -3.11 1.47
CA GLU D 20 38.66 -1.97 2.29
C GLU D 20 37.47 -1.28 1.65
N VAL D 21 36.44 -0.99 2.44
CA VAL D 21 35.26 -0.28 1.98
C VAL D 21 35.23 1.08 2.65
N ASN D 22 35.00 2.13 1.85
CA ASN D 22 34.84 3.48 2.34
C ASN D 22 33.46 4.00 1.96
N ILE D 23 32.76 4.57 2.94
CA ILE D 23 31.47 5.22 2.71
C ILE D 23 31.61 6.67 3.15
N THR D 24 31.45 7.59 2.21
CA THR D 24 31.59 9.00 2.52
C THR D 24 30.22 9.63 2.72
N CYS D 25 30.18 10.66 3.56
CA CYS D 25 28.95 11.31 3.96
C CYS D 25 29.19 12.81 3.93
N SER D 26 28.25 13.56 3.39
CA SER D 26 28.37 15.02 3.31
C SER D 26 27.45 15.65 4.33
N HIS D 27 27.97 16.65 5.05
CA HIS D 27 27.17 17.39 6.03
C HIS D 27 27.79 18.79 6.14
N ASN D 28 27.54 19.60 5.10
CA ASN D 28 28.15 20.94 5.02
C ASN D 28 27.67 21.86 6.14
N ASN D 29 26.48 21.62 6.69
CA ASN D 29 25.87 22.51 7.65
C ASN D 29 26.18 22.12 9.10
N ILE D 30 27.18 21.29 9.33
CA ILE D 30 27.51 20.86 10.68
C ILE D 30 27.87 22.06 11.54
N ALA D 31 27.51 21.98 12.82
CA ALA D 31 27.77 23.06 13.77
C ALA D 31 28.73 22.59 14.85
N THR D 32 29.18 23.56 15.66
CA THR D 32 30.16 23.29 16.69
C THR D 32 29.61 22.34 17.76
N ASN D 33 28.32 22.42 18.05
CA ASN D 33 27.69 21.51 19.01
C ASN D 33 27.05 20.30 18.34
N ASP D 34 27.60 19.85 17.21
CA ASP D 34 27.21 18.62 16.54
C ASP D 34 28.38 17.65 16.56
N TYR D 35 28.07 16.36 16.75
CA TYR D 35 29.08 15.31 16.61
C TYR D 35 28.64 14.37 15.50
N ILE D 36 29.53 13.44 15.14
CA ILE D 36 29.30 12.54 14.01
C ILE D 36 29.28 11.12 14.54
N THR D 37 28.27 10.35 14.14
CA THR D 37 28.17 8.96 14.57
C THR D 37 27.55 8.13 13.45
N TRP D 38 27.99 6.88 13.37
CA TRP D 38 27.56 5.96 12.31
C TRP D 38 26.93 4.72 12.93
N TYR D 39 25.83 4.29 12.35
CA TYR D 39 25.11 3.09 12.75
C TYR D 39 24.97 2.15 11.55
N GLN D 40 24.83 0.86 11.82
CA GLN D 40 24.58 -0.13 10.80
C GLN D 40 23.31 -0.90 11.14
N GLN D 41 22.48 -1.16 10.14
CA GLN D 41 21.24 -1.88 10.36
C GLN D 41 21.27 -3.15 9.51
N PHE D 42 21.39 -4.30 10.18
CA PHE D 42 21.29 -5.59 9.53
C PHE D 42 19.82 -5.95 9.31
N PRO D 43 19.53 -6.82 8.35
CA PRO D 43 18.15 -7.28 8.20
C PRO D 43 17.66 -7.92 9.49
N SER D 44 16.38 -7.67 9.81
CA SER D 44 15.70 -8.19 10.99
C SER D 44 16.18 -7.54 12.29
N GLN D 45 16.79 -6.35 12.23
CA GLN D 45 17.36 -5.74 13.42
C GLN D 45 17.14 -4.23 13.40
N GLY D 46 17.30 -3.62 14.58
CA GLY D 46 17.41 -2.17 14.67
C GLY D 46 18.81 -1.71 14.39
N PRO D 47 18.97 -0.41 14.15
CA PRO D 47 20.31 0.13 13.88
C PRO D 47 21.22 -0.12 15.08
N ARG D 48 22.50 -0.34 14.78
CA ARG D 48 23.49 -0.68 15.80
C ARG D 48 24.67 0.27 15.69
N PHE D 49 25.12 0.76 16.85
CA PHE D 49 26.21 1.72 16.89
C PHE D 49 27.49 1.12 16.32
N ILE D 50 28.19 1.90 15.50
CA ILE D 50 29.51 1.53 14.97
C ILE D 50 30.61 2.36 15.63
N ILE D 51 30.53 3.68 15.52
CA ILE D 51 31.65 4.55 15.85
C ILE D 51 31.13 5.98 15.91
N GLN D 52 31.82 6.82 16.67
CA GLN D 52 31.47 8.22 16.78
C GLN D 52 32.74 9.05 16.85
N GLY D 53 32.62 10.33 16.52
CA GLY D 53 33.75 11.23 16.65
C GLY D 53 33.29 12.67 16.60
N TYR D 54 34.25 13.56 16.77
CA TYR D 54 34.00 14.99 16.67
C TYR D 54 34.85 15.62 15.57
N LYS D 55 36.17 15.62 15.72
CA LYS D 55 37.05 16.17 14.69
C LYS D 55 38.30 15.33 14.46
N THR D 56 38.61 14.39 15.33
CA THR D 56 39.81 13.56 15.26
C THR D 56 39.48 12.24 14.61
N LYS D 57 40.40 11.72 13.80
CA LYS D 57 40.27 10.36 13.28
C LYS D 57 40.07 9.39 14.44
N VAL D 58 39.12 8.47 14.28
CA VAL D 58 38.81 7.48 15.30
C VAL D 58 38.96 6.10 14.69
N THR D 59 39.53 5.17 15.46
CA THR D 59 39.65 3.78 15.05
C THR D 59 39.25 2.90 16.21
N ASN D 60 38.30 2.00 15.98
CA ASN D 60 37.98 0.95 16.95
C ASN D 60 38.09 -0.41 16.26
N GLU D 61 37.55 -1.44 16.92
CA GLU D 61 37.68 -2.80 16.40
C GLU D 61 36.83 -3.04 15.17
N VAL D 62 35.87 -2.17 14.87
CA VAL D 62 34.92 -2.38 13.79
C VAL D 62 35.22 -1.50 12.59
N ALA D 63 35.67 -0.27 12.80
CA ALA D 63 35.86 0.64 11.69
C ALA D 63 36.81 1.76 12.09
N SER D 64 37.18 2.56 11.10
CA SER D 64 37.76 3.88 11.31
C SER D 64 36.79 4.94 10.81
N LEU D 65 36.93 6.13 11.38
CA LEU D 65 36.13 7.28 11.01
C LEU D 65 37.06 8.45 10.70
N PHE D 66 37.00 8.95 9.48
CA PHE D 66 37.84 10.07 9.05
C PHE D 66 37.01 11.34 8.99
N ILE D 67 37.52 12.41 9.61
CA ILE D 67 36.84 13.69 9.65
C ILE D 67 37.82 14.78 9.20
N PRO D 68 37.63 15.38 8.03
CA PRO D 68 38.54 16.46 7.60
C PRO D 68 38.41 17.68 8.50
N ALA D 69 39.33 18.63 8.28
CA ALA D 69 39.48 19.76 9.19
C ALA D 69 38.21 20.60 9.27
N ASP D 70 37.51 20.79 8.16
CA ASP D 70 36.31 21.61 8.19
C ASP D 70 35.06 20.86 8.65
N ARG D 71 35.17 19.56 8.92
CA ARG D 71 34.08 18.71 9.41
C ARG D 71 32.87 18.69 8.49
N LYS D 72 33.01 19.16 7.25
CA LYS D 72 31.87 19.22 6.34
C LYS D 72 31.59 17.87 5.68
N SER D 73 32.42 16.87 5.92
CA SER D 73 32.17 15.51 5.47
C SER D 73 32.80 14.56 6.48
N SER D 74 32.52 13.26 6.28
CA SER D 74 33.16 12.22 7.08
C SER D 74 33.15 10.94 6.28
N THR D 75 34.11 10.06 6.56
CA THR D 75 34.25 8.82 5.81
C THR D 75 34.37 7.66 6.79
N LEU D 76 33.46 6.69 6.68
CA LEU D 76 33.54 5.44 7.41
C LEU D 76 34.38 4.45 6.61
N SER D 77 35.38 3.85 7.25
CA SER D 77 36.28 2.92 6.60
C SER D 77 36.17 1.56 7.27
N LEU D 78 35.76 0.55 6.51
CA LEU D 78 35.69 -0.83 6.97
C LEU D 78 36.89 -1.58 6.43
N PRO D 79 37.72 -2.21 7.28
CA PRO D 79 39.08 -2.59 6.86
C PRO D 79 39.18 -3.73 5.85
N ARG D 80 38.49 -4.85 6.09
CA ARG D 80 38.56 -6.03 5.22
C ARG D 80 37.19 -6.71 5.29
N VAL D 81 36.27 -6.26 4.42
CA VAL D 81 34.87 -6.62 4.62
C VAL D 81 34.65 -8.10 4.37
N SER D 82 33.65 -8.65 5.03
CA SER D 82 33.17 -9.99 4.76
C SER D 82 31.69 -9.93 4.43
N LEU D 83 31.15 -11.07 4.00
CA LEU D 83 29.74 -11.15 3.66
C LEU D 83 28.85 -10.67 4.81
N SER D 84 29.28 -10.92 6.05
CA SER D 84 28.50 -10.55 7.22
C SER D 84 28.43 -9.04 7.43
N ASP D 85 29.16 -8.24 6.66
CA ASP D 85 29.07 -6.79 6.78
C ASP D 85 27.97 -6.20 5.90
N THR D 86 27.29 -7.03 5.11
CA THR D 86 26.16 -6.59 4.32
C THR D 86 25.09 -5.99 5.21
N ALA D 87 24.82 -4.70 5.03
CA ALA D 87 23.89 -3.97 5.89
C ALA D 87 23.67 -2.60 5.28
N VAL D 88 22.76 -1.85 5.89
CA VAL D 88 22.56 -0.44 5.56
C VAL D 88 23.32 0.38 6.58
N TYR D 89 24.13 1.32 6.09
CA TYR D 89 24.99 2.14 6.94
C TYR D 89 24.44 3.55 6.99
N TYR D 90 24.23 4.06 8.20
CA TYR D 90 23.67 5.38 8.42
C TYR D 90 24.71 6.29 9.02
N CYS D 91 24.92 7.43 8.37
CA CYS D 91 25.74 8.52 8.88
C CYS D 91 24.80 9.55 9.53
N LEU D 92 25.08 9.89 10.78
CA LEU D 92 24.22 10.81 11.51
C LEU D 92 25.06 11.96 12.06
N VAL D 93 24.51 13.16 12.00
CA VAL D 93 25.04 14.31 12.71
C VAL D 93 24.10 14.56 13.88
N GLY D 94 24.62 14.42 15.09
CA GLY D 94 23.81 14.44 16.30
C GLY D 94 24.09 15.68 17.15
N ASP D 95 23.04 16.19 17.77
CA ASP D 95 23.15 17.32 18.70
C ASP D 95 23.91 16.87 19.95
N MET D 96 25.01 17.56 20.26
CA MET D 96 25.74 17.25 21.49
C MET D 96 25.07 17.79 22.74
N ASP D 97 24.15 18.75 22.62
CA ASP D 97 23.57 19.39 23.80
C ASP D 97 22.53 18.50 24.44
N GLN D 98 22.63 18.31 25.75
CA GLN D 98 21.66 17.48 26.45
C GLN D 98 20.26 18.07 26.30
N ALA D 99 19.30 17.19 26.02
CA ALA D 99 17.89 17.54 25.77
C ALA D 99 17.71 18.35 24.50
N GLY D 100 18.72 18.37 23.63
CA GLY D 100 18.57 18.93 22.30
C GLY D 100 17.80 17.99 21.40
N THR D 101 18.02 18.12 20.09
CA THR D 101 17.28 17.32 19.13
C THR D 101 17.71 15.85 19.19
N ALA D 102 16.74 14.94 19.22
CA ALA D 102 17.05 13.53 19.13
C ALA D 102 17.67 13.20 17.77
N LEU D 103 18.34 12.05 17.71
CA LEU D 103 19.02 11.66 16.48
C LEU D 103 18.03 11.55 15.33
N ILE D 104 18.32 12.25 14.24
CA ILE D 104 17.50 12.22 13.03
C ILE D 104 18.26 11.46 11.95
N PHE D 105 17.62 10.44 11.39
CA PHE D 105 18.23 9.61 10.35
C PHE D 105 17.97 10.20 8.96
N GLY D 106 18.99 10.15 8.11
CA GLY D 106 18.83 10.35 6.68
C GLY D 106 18.49 9.04 6.00
N LYS D 107 18.87 8.92 4.71
CA LYS D 107 18.47 7.76 3.93
C LYS D 107 19.34 6.54 4.19
N GLY D 108 20.66 6.71 4.18
CA GLY D 108 21.57 5.60 4.44
C GLY D 108 22.08 4.96 3.16
N THR D 109 23.12 4.13 3.33
CA THR D 109 23.85 3.53 2.22
C THR D 109 23.77 2.01 2.32
N THR D 110 23.22 1.38 1.30
CA THR D 110 23.16 -0.09 1.25
C THR D 110 24.50 -0.63 0.77
N LEU D 111 25.16 -1.44 1.61
CA LEU D 111 26.42 -2.07 1.24
C LEU D 111 26.16 -3.53 0.90
N SER D 112 26.57 -3.94 -0.30
CA SER D 112 26.53 -5.34 -0.67
C SER D 112 27.96 -5.85 -0.84
N VAL D 113 28.15 -7.13 -0.57
CA VAL D 113 29.47 -7.76 -0.54
C VAL D 113 29.40 -9.04 -1.38
N SER D 114 30.23 -9.12 -2.41
CA SER D 114 30.30 -10.31 -3.26
C SER D 114 31.57 -11.09 -2.95
N SER D 115 31.58 -12.36 -3.36
CA SER D 115 32.77 -13.20 -3.22
C SER D 115 33.33 -13.49 -4.61
N ASP D 116 34.66 -13.51 -4.70
CA ASP D 116 35.34 -13.81 -5.96
C ASP D 116 35.43 -15.33 -6.08
N ILE D 117 34.46 -15.92 -6.77
CA ILE D 117 34.36 -17.38 -6.84
C ILE D 117 35.60 -17.95 -7.52
N GLN D 118 36.23 -18.91 -6.85
CA GLN D 118 37.30 -19.68 -7.48
C GLN D 118 36.73 -20.94 -8.14
N ASN D 119 37.26 -21.27 -9.31
CA ASN D 119 36.76 -22.35 -10.15
C ASN D 119 35.23 -22.31 -10.28
N PRO D 120 34.67 -21.21 -10.81
CA PRO D 120 33.24 -21.21 -11.09
C PRO D 120 32.92 -22.28 -12.13
N ASP D 121 31.71 -22.84 -12.01
CA ASP D 121 31.26 -23.94 -12.84
C ASP D 121 29.75 -23.77 -13.06
N PRO D 122 29.32 -22.70 -13.74
CA PRO D 122 27.88 -22.39 -13.78
C PRO D 122 27.09 -23.50 -14.46
N ALA D 123 26.00 -23.91 -13.79
CA ALA D 123 25.17 -24.98 -14.31
C ALA D 123 23.77 -24.84 -13.74
N VAL D 124 22.79 -25.39 -14.46
CA VAL D 124 21.40 -25.41 -14.04
C VAL D 124 21.01 -26.86 -13.77
N TYR D 125 20.50 -27.12 -12.57
CA TYR D 125 20.10 -28.46 -12.17
C TYR D 125 18.60 -28.48 -11.88
N GLN D 126 17.96 -29.61 -12.14
CA GLN D 126 16.57 -29.81 -11.80
C GLN D 126 16.49 -30.62 -10.52
N LEU D 127 15.70 -30.12 -9.57
CA LEU D 127 15.46 -30.79 -8.29
C LEU D 127 14.03 -31.29 -8.25
N ARG D 128 13.81 -32.43 -7.61
CA ARG D 128 12.48 -33.02 -7.49
C ARG D 128 11.97 -32.92 -6.06
N ASP D 129 10.67 -32.69 -5.92
CA ASP D 129 10.05 -32.49 -4.62
C ASP D 129 10.26 -33.70 -3.71
N SER D 130 10.37 -33.43 -2.41
CA SER D 130 10.47 -34.51 -1.43
C SER D 130 9.14 -35.25 -1.28
N LYS D 131 8.03 -34.51 -1.26
CA LYS D 131 6.71 -35.12 -1.17
C LYS D 131 6.14 -35.42 -2.55
N SER D 132 6.17 -34.44 -3.44
CA SER D 132 5.55 -34.55 -4.75
C SER D 132 6.49 -35.18 -5.76
N SER D 133 5.90 -35.79 -6.79
CA SER D 133 6.59 -36.11 -8.03
C SER D 133 6.10 -35.23 -9.18
N ASP D 134 5.25 -34.27 -8.88
CA ASP D 134 4.70 -33.32 -9.85
C ASP D 134 5.40 -31.98 -9.81
N LYS D 135 5.67 -31.44 -8.62
CA LYS D 135 6.35 -30.17 -8.49
C LYS D 135 7.86 -30.34 -8.60
N SER D 136 8.51 -29.37 -9.22
CA SER D 136 9.96 -29.41 -9.39
C SER D 136 10.50 -27.98 -9.45
N VAL D 137 11.80 -27.86 -9.23
CA VAL D 137 12.47 -26.58 -9.10
C VAL D 137 13.77 -26.64 -9.89
N CYS D 138 14.17 -25.50 -10.45
CA CYS D 138 15.44 -25.34 -11.16
C CYS D 138 16.42 -24.53 -10.33
N LEU D 139 17.67 -24.99 -10.27
CA LEU D 139 18.71 -24.33 -9.49
C LEU D 139 19.86 -23.94 -10.41
N PHE D 140 20.06 -22.63 -10.57
CA PHE D 140 21.23 -22.09 -11.25
C PHE D 140 22.30 -21.86 -10.18
N THR D 141 23.43 -22.54 -10.29
CA THR D 141 24.42 -22.48 -9.21
C THR D 141 25.83 -22.44 -9.76
N ASP D 142 26.75 -22.02 -8.89
CA ASP D 142 28.20 -22.05 -9.12
C ASP D 142 28.65 -21.05 -10.18
N PHE D 143 27.84 -20.04 -10.48
CA PHE D 143 28.23 -19.01 -11.43
C PHE D 143 29.04 -17.91 -10.72
N ASP D 144 29.72 -17.09 -11.54
CA ASP D 144 30.55 -16.04 -10.96
C ASP D 144 29.69 -14.89 -10.47
N SER D 145 30.25 -14.10 -9.57
CA SER D 145 29.45 -13.11 -8.85
C SER D 145 29.04 -11.93 -9.72
N GLN D 146 29.68 -11.73 -10.87
CA GLN D 146 29.25 -10.70 -11.79
C GLN D 146 28.09 -11.13 -12.68
N THR D 147 27.63 -12.37 -12.55
CA THR D 147 26.46 -12.83 -13.30
C THR D 147 25.21 -12.11 -12.83
N ASN D 148 24.47 -11.54 -13.78
CA ASN D 148 23.19 -10.90 -13.49
C ASN D 148 22.07 -11.91 -13.76
N VAL D 149 21.25 -12.15 -12.75
CA VAL D 149 20.12 -13.07 -12.85
C VAL D 149 18.90 -12.21 -13.17
N SER D 150 18.49 -12.22 -14.44
CA SER D 150 17.33 -11.43 -14.86
C SER D 150 16.06 -11.95 -14.22
N GLN D 151 15.15 -11.04 -13.91
CA GLN D 151 13.88 -11.43 -13.32
C GLN D 151 12.97 -12.06 -14.37
N SER D 152 11.91 -12.71 -13.89
CA SER D 152 11.03 -13.46 -14.77
C SER D 152 10.22 -12.50 -15.65
N LYS D 153 10.08 -12.88 -16.92
CA LYS D 153 9.18 -12.21 -17.86
C LYS D 153 7.88 -12.95 -18.08
N ASP D 154 7.92 -14.28 -18.08
CA ASP D 154 6.70 -15.08 -18.03
C ASP D 154 6.01 -14.86 -16.69
N SER D 155 4.73 -14.50 -16.72
CA SER D 155 4.02 -14.15 -15.50
C SER D 155 3.81 -15.34 -14.57
N ASP D 156 3.93 -16.57 -15.07
CA ASP D 156 3.75 -17.77 -14.25
C ASP D 156 5.06 -18.49 -13.97
N VAL D 157 6.20 -17.87 -14.26
CA VAL D 157 7.50 -18.37 -13.86
C VAL D 157 8.07 -17.41 -12.82
N TYR D 158 8.67 -17.95 -11.77
CA TYR D 158 9.24 -17.16 -10.69
C TYR D 158 10.75 -17.45 -10.62
N ILE D 159 11.54 -16.38 -10.56
CA ILE D 159 13.00 -16.47 -10.48
C ILE D 159 13.48 -15.59 -9.34
N THR D 160 14.18 -16.20 -8.38
CA THR D 160 14.71 -15.44 -7.26
C THR D 160 16.05 -14.81 -7.63
N ASP D 161 16.43 -13.79 -6.86
CA ASP D 161 17.72 -13.17 -7.04
C ASP D 161 18.82 -14.11 -6.54
N LYS D 162 20.07 -13.72 -6.81
CA LYS D 162 21.18 -14.57 -6.43
C LYS D 162 21.48 -14.42 -4.94
N CYS D 163 22.23 -15.40 -4.44
CA CYS D 163 22.45 -15.57 -3.01
C CYS D 163 23.70 -16.42 -2.85
N VAL D 164 24.61 -16.01 -1.96
CA VAL D 164 25.86 -16.74 -1.78
C VAL D 164 25.80 -17.50 -0.45
N LEU D 165 26.17 -18.78 -0.51
CA LEU D 165 26.31 -19.58 0.70
C LEU D 165 27.77 -19.94 0.91
N ASP D 166 28.09 -20.33 2.14
CA ASP D 166 29.47 -20.54 2.58
C ASP D 166 29.53 -21.88 3.31
N MET D 167 30.10 -22.90 2.66
CA MET D 167 30.34 -24.21 3.27
C MET D 167 31.66 -24.09 4.03
N ARG D 168 31.57 -23.73 5.31
CA ARG D 168 32.73 -23.19 6.00
C ARG D 168 33.80 -24.24 6.18
N SER D 169 33.43 -25.44 6.64
CA SER D 169 34.42 -26.49 6.88
C SER D 169 35.13 -26.92 5.59
N MET D 170 34.52 -26.67 4.43
CA MET D 170 35.11 -27.04 3.15
C MET D 170 35.82 -25.89 2.46
N ASP D 171 35.84 -24.70 3.07
CA ASP D 171 36.46 -23.50 2.49
C ASP D 171 35.90 -23.24 1.09
N PHE D 172 34.57 -23.25 0.99
CA PHE D 172 33.90 -23.22 -0.30
C PHE D 172 32.71 -22.28 -0.25
N LYS D 173 32.62 -21.40 -1.24
CA LYS D 173 31.48 -20.50 -1.39
C LYS D 173 30.89 -20.66 -2.79
N SER D 174 29.58 -20.47 -2.90
CA SER D 174 28.94 -20.58 -4.20
C SER D 174 27.70 -19.70 -4.25
N ASN D 175 27.44 -19.13 -5.43
CA ASN D 175 26.23 -18.38 -5.70
C ASN D 175 25.16 -19.31 -6.24
N SER D 176 23.89 -18.93 -6.05
CA SER D 176 22.80 -19.69 -6.63
C SER D 176 21.56 -18.83 -6.77
N ALA D 177 20.68 -19.25 -7.67
CA ALA D 177 19.37 -18.67 -7.84
C ALA D 177 18.39 -19.79 -8.17
N VAL D 178 17.11 -19.55 -7.89
CA VAL D 178 16.09 -20.58 -8.00
C VAL D 178 15.00 -20.09 -8.94
N ALA D 179 14.52 -21.01 -9.80
CA ALA D 179 13.40 -20.74 -10.68
C ALA D 179 12.40 -21.88 -10.56
N TRP D 180 11.11 -21.54 -10.60
CA TRP D 180 10.07 -22.55 -10.54
C TRP D 180 8.84 -22.05 -11.27
N SER D 181 7.97 -22.98 -11.63
CA SER D 181 6.73 -22.68 -12.33
C SER D 181 5.80 -23.87 -12.20
N ASN D 182 4.52 -23.61 -12.45
CA ASN D 182 3.48 -24.64 -12.39
C ASN D 182 3.02 -25.10 -13.76
N LYS D 183 3.50 -24.47 -14.83
CA LYS D 183 2.96 -24.72 -16.16
C LYS D 183 3.45 -26.05 -16.72
N SER D 184 2.89 -26.42 -17.88
CA SER D 184 3.08 -27.75 -18.43
C SER D 184 4.48 -27.94 -18.98
N ASP D 185 4.92 -27.03 -19.87
CA ASP D 185 6.16 -27.23 -20.60
C ASP D 185 7.33 -26.45 -19.99
N PHE D 186 7.25 -26.08 -18.72
CA PHE D 186 8.39 -25.46 -18.05
C PHE D 186 9.55 -26.43 -17.98
N ALA D 187 10.67 -26.06 -18.62
CA ALA D 187 11.90 -26.83 -18.56
C ALA D 187 13.00 -25.96 -17.95
N CYS D 188 14.01 -26.61 -17.36
CA CYS D 188 15.00 -25.85 -16.62
C CYS D 188 16.11 -25.31 -17.52
N ALA D 189 16.40 -26.00 -18.62
CA ALA D 189 17.49 -25.59 -19.50
C ALA D 189 17.27 -24.20 -20.09
N ASN D 190 16.03 -23.74 -20.12
CA ASN D 190 15.68 -22.43 -20.65
C ASN D 190 15.18 -21.47 -19.59
N ALA D 191 15.10 -21.90 -18.32
CA ALA D 191 14.45 -21.09 -17.30
C ALA D 191 15.21 -19.79 -17.06
N PHE D 192 16.54 -19.85 -17.07
CA PHE D 192 17.37 -18.70 -16.74
C PHE D 192 17.92 -17.98 -17.97
N ASN D 193 17.69 -18.50 -19.17
CA ASN D 193 18.25 -17.89 -20.38
C ASN D 193 17.69 -16.49 -20.62
N GLY E 3 19.30 -5.19 27.11
CA GLY E 3 19.09 -4.31 25.98
C GLY E 3 17.68 -3.73 25.97
N VAL E 4 17.35 -3.03 24.89
CA VAL E 4 15.98 -2.55 24.71
C VAL E 4 15.07 -3.73 24.39
N THR E 5 13.92 -3.78 25.07
CA THR E 5 12.94 -4.84 24.88
C THR E 5 11.71 -4.24 24.22
N GLN E 6 11.40 -4.70 23.02
CA GLN E 6 10.19 -4.30 22.31
C GLN E 6 9.27 -5.51 22.16
N SER E 7 7.97 -5.26 22.28
CA SER E 7 7.00 -6.33 22.16
C SER E 7 5.73 -5.74 21.57
N PRO E 8 5.01 -6.50 20.73
CA PRO E 8 5.41 -7.83 20.22
C PRO E 8 6.44 -7.71 19.11
N THR E 9 6.98 -8.82 18.63
CA THR E 9 7.89 -8.73 17.48
C THR E 9 7.12 -8.48 16.19
N HIS E 10 5.93 -9.05 16.06
CA HIS E 10 5.12 -8.93 14.85
C HIS E 10 3.66 -8.76 15.25
N LEU E 11 2.92 -8.02 14.42
CA LEU E 11 1.51 -7.77 14.72
C LEU E 11 0.78 -7.46 13.42
N ILE E 12 -0.46 -7.97 13.32
CA ILE E 12 -1.34 -7.66 12.21
C ILE E 12 -2.59 -6.99 12.76
N LYS E 13 -3.03 -5.94 12.08
CA LYS E 13 -4.26 -5.25 12.41
C LYS E 13 -4.96 -4.87 11.12
N THR E 14 -6.27 -4.69 11.20
CA THR E 14 -7.05 -4.27 10.05
C THR E 14 -7.26 -2.76 10.09
N ARG E 15 -7.48 -2.20 8.92
CA ARG E 15 -7.76 -0.77 8.76
C ARG E 15 -8.78 -0.30 9.78
N GLY E 16 -8.48 0.83 10.43
CA GLY E 16 -9.38 1.41 11.41
C GLY E 16 -9.21 0.92 12.83
N GLN E 17 -8.46 -0.15 13.04
CA GLN E 17 -8.23 -0.63 14.40
C GLN E 17 -7.25 0.30 15.13
N GLN E 18 -6.93 -0.06 16.37
CA GLN E 18 -5.95 0.66 17.16
C GLN E 18 -4.94 -0.32 17.71
N VAL E 19 -3.74 0.19 18.05
CA VAL E 19 -2.66 -0.65 18.53
C VAL E 19 -1.97 0.01 19.71
N THR E 20 -1.37 -0.82 20.56
CA THR E 20 -0.43 -0.38 21.57
C THR E 20 0.84 -1.19 21.42
N LEU E 21 1.93 -0.51 21.08
CA LEU E 21 3.26 -1.12 21.06
C LEU E 21 3.99 -0.71 22.33
N ARG E 22 4.85 -1.60 22.82
CA ARG E 22 5.50 -1.42 24.12
C ARG E 22 7.01 -1.54 23.97
N CYS E 23 7.72 -0.81 24.81
CA CYS E 23 9.17 -0.84 24.79
C CYS E 23 9.69 -0.58 26.20
N SER E 24 10.62 -1.41 26.65
CA SER E 24 11.35 -1.14 27.89
C SER E 24 12.77 -0.74 27.54
N PRO E 25 13.27 0.36 28.09
CA PRO E 25 14.61 0.83 27.72
C PRO E 25 15.69 -0.11 28.22
N LYS E 26 16.88 0.06 27.64
CA LYS E 26 18.05 -0.64 28.15
C LYS E 26 18.28 -0.29 29.62
N SER E 27 18.73 -1.27 30.39
CA SER E 27 18.99 -1.05 31.80
C SER E 27 19.97 0.11 31.99
N GLY E 28 19.60 1.06 32.86
CA GLY E 28 20.38 2.26 33.03
C GLY E 28 19.95 3.43 32.17
N HIS E 29 19.02 3.20 31.23
CA HIS E 29 18.46 4.27 30.40
C HIS E 29 17.08 4.65 30.91
N ASP E 30 16.74 5.94 30.78
CA ASP E 30 15.45 6.42 31.25
C ASP E 30 14.74 7.27 30.21
N THR E 31 15.28 7.39 29.00
CA THR E 31 14.68 8.15 27.92
C THR E 31 14.32 7.18 26.81
N VAL E 32 13.16 7.38 26.18
CA VAL E 32 12.69 6.51 25.12
C VAL E 32 12.33 7.35 23.90
N SER E 33 12.83 6.94 22.74
CA SER E 33 12.51 7.57 21.46
C SER E 33 11.88 6.54 20.54
N TRP E 34 10.79 6.91 19.87
CA TRP E 34 10.09 6.04 18.95
C TRP E 34 10.30 6.52 17.51
N TYR E 35 10.45 5.56 16.60
CA TYR E 35 10.68 5.82 15.18
C TYR E 35 9.78 4.91 14.34
N GLN E 36 9.40 5.40 13.17
CA GLN E 36 8.68 4.61 12.18
C GLN E 36 9.57 4.40 10.96
N GLN E 37 9.78 3.15 10.58
CA GLN E 37 10.63 2.82 9.44
C GLN E 37 9.83 2.02 8.43
N ALA E 38 9.39 2.69 7.37
CA ALA E 38 8.74 2.03 6.25
C ALA E 38 9.79 1.35 5.38
N LEU E 39 9.33 0.40 4.56
CA LEU E 39 10.24 -0.38 3.74
C LEU E 39 11.07 0.51 2.83
N GLY E 40 12.38 0.23 2.76
CA GLY E 40 13.27 0.99 1.93
C GLY E 40 13.58 2.39 2.40
N GLN E 41 13.21 2.76 3.63
CA GLN E 41 13.47 4.09 4.16
C GLN E 41 14.27 3.98 5.45
N GLY E 42 14.78 5.13 5.90
CA GLY E 42 15.38 5.24 7.20
C GLY E 42 14.33 5.48 8.26
N PRO E 43 14.69 5.27 9.53
CA PRO E 43 13.73 5.53 10.61
C PRO E 43 13.33 7.00 10.64
N GLN E 44 12.02 7.23 10.80
CA GLN E 44 11.47 8.57 10.92
C GLN E 44 11.04 8.81 12.37
N PHE E 45 11.48 9.94 12.93
CA PHE E 45 11.31 10.22 14.34
C PHE E 45 9.86 10.56 14.68
N ILE E 46 9.29 9.87 15.67
CA ILE E 46 7.92 10.11 16.11
C ILE E 46 7.93 11.05 17.32
N PHE E 47 8.45 10.59 18.45
CA PHE E 47 8.56 11.47 19.61
C PHE E 47 9.55 10.86 20.60
N GLN E 48 9.88 11.65 21.63
CA GLN E 48 10.78 11.24 22.69
C GLN E 48 10.15 11.53 24.04
N TYR E 49 10.21 10.57 24.96
CA TYR E 49 9.61 10.70 26.28
C TYR E 49 10.70 10.64 27.35
N TYR E 50 10.58 11.52 28.33
CA TYR E 50 11.50 11.55 29.47
C TYR E 50 10.74 12.07 30.67
N GLU E 51 10.95 11.44 31.82
CA GLU E 51 10.25 11.80 33.05
C GLU E 51 8.74 11.83 32.84
N GLU E 52 8.24 10.78 32.16
CA GLU E 52 6.81 10.52 31.97
C GLU E 52 6.12 11.57 31.10
N GLU E 53 6.86 12.34 30.30
CA GLU E 53 6.28 13.40 29.50
C GLU E 53 6.87 13.36 28.11
N GLU E 54 6.04 13.67 27.11
CA GLU E 54 6.52 13.86 25.75
C GLU E 54 7.35 15.13 25.68
N ARG E 55 8.62 15.02 25.29
CA ARG E 55 9.51 16.18 25.28
C ARG E 55 9.77 16.74 23.88
N GLN E 56 9.63 15.93 22.84
CA GLN E 56 9.69 16.45 21.48
C GLN E 56 9.00 15.45 20.56
N ARG E 57 8.55 15.97 19.42
CA ARG E 57 7.72 15.21 18.50
C ARG E 57 8.12 15.56 17.07
N GLY E 58 8.11 14.55 16.21
CA GLY E 58 8.34 14.74 14.78
C GLY E 58 7.07 15.06 14.03
N ASN E 59 7.03 14.63 12.77
CA ASN E 59 5.93 14.98 11.87
C ASN E 59 4.91 13.84 11.83
N PHE E 60 4.14 13.74 12.91
CA PHE E 60 3.17 12.68 13.05
C PHE E 60 1.88 13.21 13.68
N PRO E 61 0.73 12.77 13.19
CA PRO E 61 -0.54 13.32 13.67
C PRO E 61 -0.87 12.84 15.07
N ASP E 62 -1.88 13.50 15.65
CA ASP E 62 -2.24 13.27 17.05
C ASP E 62 -2.72 11.85 17.33
N ARG E 63 -3.18 11.13 16.30
CA ARG E 63 -3.58 9.74 16.53
C ARG E 63 -2.37 8.88 16.91
N PHE E 64 -1.16 9.36 16.67
CA PHE E 64 0.05 8.80 17.27
C PHE E 64 0.24 9.45 18.64
N SER E 65 0.06 8.68 19.69
CA SER E 65 0.23 9.18 21.05
C SER E 65 1.12 8.23 21.82
N GLY E 66 1.72 8.74 22.90
CA GLY E 66 2.68 7.98 23.66
C GLY E 66 2.38 8.03 25.14
N HIS E 67 3.13 7.21 25.88
CA HIS E 67 3.05 7.16 27.33
C HIS E 67 4.37 6.63 27.85
N GLN E 68 4.79 7.13 29.01
CA GLN E 68 5.96 6.59 29.69
C GLN E 68 5.61 6.43 31.16
N PHE E 69 5.85 5.22 31.68
CA PHE E 69 5.58 4.88 33.07
C PHE E 69 6.71 5.33 33.98
N PRO E 70 6.44 5.40 35.30
CA PRO E 70 7.52 5.77 36.23
C PRO E 70 8.75 4.89 36.13
N ASN E 71 8.62 3.63 35.70
CA ASN E 71 9.77 2.74 35.60
C ASN E 71 10.51 2.90 34.27
N TYR E 72 10.16 3.92 33.48
CA TYR E 72 10.75 4.36 32.23
C TYR E 72 10.23 3.60 31.02
N SER E 73 9.45 2.53 31.20
CA SER E 73 8.86 1.83 30.06
C SER E 73 7.85 2.72 29.35
N SER E 74 7.58 2.39 28.10
CA SER E 74 6.89 3.30 27.20
C SER E 74 5.87 2.55 26.35
N GLU E 75 4.83 3.29 25.95
CA GLU E 75 3.83 2.80 25.00
C GLU E 75 3.79 3.73 23.78
N LEU E 76 3.66 3.13 22.60
CA LEU E 76 3.27 3.86 21.40
C LEU E 76 1.85 3.42 21.03
N ASN E 77 0.91 4.35 21.09
CA ASN E 77 -0.50 4.08 20.83
C ASN E 77 -0.90 4.75 19.53
N VAL E 78 -1.43 3.97 18.58
CA VAL E 78 -1.90 4.47 17.30
C VAL E 78 -3.30 3.93 17.07
N ASN E 79 -4.27 4.83 16.90
CA ASN E 79 -5.62 4.42 16.54
C ASN E 79 -5.96 4.89 15.14
N ALA E 80 -7.10 4.42 14.63
CA ALA E 80 -7.53 4.70 13.26
C ALA E 80 -6.44 4.32 12.27
N LEU E 81 -5.92 3.10 12.43
CA LEU E 81 -4.79 2.64 11.63
C LEU E 81 -5.12 2.65 10.14
N LEU E 82 -4.14 3.03 9.33
CA LEU E 82 -4.23 3.01 7.88
C LEU E 82 -3.20 2.02 7.33
N LEU E 83 -3.40 1.62 6.08
CA LEU E 83 -2.44 0.72 5.43
C LEU E 83 -1.05 1.34 5.40
N GLY E 84 -0.97 2.65 5.21
CA GLY E 84 0.31 3.36 5.21
C GLY E 84 1.02 3.37 6.54
N ASP E 85 0.36 2.98 7.63
CA ASP E 85 1.02 2.85 8.92
C ASP E 85 1.84 1.57 9.04
N SER E 86 1.74 0.67 8.06
CA SER E 86 2.54 -0.55 8.07
C SER E 86 4.02 -0.18 8.05
N ALA E 87 4.77 -0.66 9.04
CA ALA E 87 6.16 -0.27 9.16
C ALA E 87 6.82 -1.09 10.25
N LEU E 88 8.15 -0.95 10.34
CA LEU E 88 8.90 -1.41 11.50
C LEU E 88 8.97 -0.25 12.49
N TYR E 89 8.41 -0.45 13.67
CA TYR E 89 8.39 0.58 14.70
C TYR E 89 9.54 0.32 15.68
N LEU E 90 10.47 1.27 15.74
CA LEU E 90 11.71 1.12 16.50
C LEU E 90 11.66 1.98 17.75
N CYS E 91 12.20 1.43 18.83
CA CYS E 91 12.39 2.12 20.09
C CYS E 91 13.88 2.30 20.34
N ALA E 92 14.30 3.50 20.76
CA ALA E 92 15.67 3.75 21.14
C ALA E 92 15.71 4.37 22.52
N SER E 93 16.63 3.91 23.36
CA SER E 93 16.72 4.39 24.73
C SER E 93 18.06 5.10 24.97
N SER E 94 18.04 6.02 25.93
CA SER E 94 19.23 6.77 26.30
C SER E 94 19.01 7.32 27.71
N LEU E 95 20.07 7.94 28.23
CA LEU E 95 20.07 8.45 29.59
C LEU E 95 19.90 9.97 29.57
N GLY E 96 18.84 10.45 30.22
CA GLY E 96 18.65 11.89 30.39
C GLY E 96 18.67 12.69 29.10
N GLN E 97 18.09 12.15 28.04
CA GLN E 97 17.94 12.88 26.77
C GLN E 97 19.28 13.26 26.15
N THR E 98 20.31 12.42 26.31
CA THR E 98 21.53 12.59 25.53
C THR E 98 21.47 11.69 24.32
N ASN E 99 22.15 12.10 23.25
CA ASN E 99 22.24 11.25 22.07
C ASN E 99 23.36 10.22 22.18
N TYR E 100 24.31 10.44 23.08
CA TYR E 100 25.38 9.47 23.29
C TYR E 100 24.80 8.18 23.87
N GLY E 101 25.29 7.04 23.38
CA GLY E 101 24.83 5.76 23.88
C GLY E 101 23.45 5.34 23.43
N TYR E 102 22.88 6.05 22.46
CA TYR E 102 21.59 5.72 21.85
C TYR E 102 21.56 4.26 21.42
N THR E 103 20.59 3.51 21.94
CA THR E 103 20.52 2.07 21.74
C THR E 103 19.13 1.70 21.25
N PHE E 104 19.07 1.03 20.10
CA PHE E 104 17.81 0.64 19.49
C PHE E 104 17.41 -0.78 19.87
N GLY E 105 16.11 -1.00 19.98
CA GLY E 105 15.57 -2.34 20.01
C GLY E 105 15.49 -2.92 18.61
N SER E 106 14.97 -4.14 18.53
CA SER E 106 14.84 -4.85 17.28
C SER E 106 13.58 -4.48 16.51
N GLY E 107 12.66 -3.73 17.11
CA GLY E 107 11.50 -3.24 16.41
C GLY E 107 10.29 -4.15 16.52
N THR E 108 9.12 -3.56 16.28
CA THR E 108 7.87 -4.29 16.13
C THR E 108 7.41 -4.14 14.69
N ARG E 109 7.30 -5.27 13.98
CA ARG E 109 6.83 -5.24 12.60
C ARG E 109 5.30 -5.25 12.62
N LEU E 110 4.69 -4.12 12.30
CA LEU E 110 3.25 -3.97 12.28
C LEU E 110 2.78 -3.86 10.84
N THR E 111 1.87 -4.74 10.44
CA THR E 111 1.26 -4.67 9.12
C THR E 111 -0.23 -4.41 9.27
N VAL E 112 -0.70 -3.34 8.66
CA VAL E 112 -2.12 -3.04 8.58
C VAL E 112 -2.65 -3.58 7.26
N VAL E 113 -3.71 -4.39 7.32
CA VAL E 113 -4.28 -4.99 6.12
C VAL E 113 -5.72 -4.53 5.96
N GLU E 114 -6.23 -4.66 4.73
CA GLU E 114 -7.59 -4.23 4.43
C GLU E 114 -8.61 -5.12 5.14
N ASP E 115 -8.43 -6.43 5.05
CA ASP E 115 -9.34 -7.38 5.68
C ASP E 115 -8.53 -8.52 6.26
N LEU E 116 -9.10 -9.21 7.24
CA LEU E 116 -8.44 -10.39 7.79
C LEU E 116 -8.18 -11.44 6.71
N ARG E 117 -9.04 -11.52 5.70
CA ARG E 117 -8.85 -12.53 4.66
C ARG E 117 -7.72 -12.21 3.71
N ASN E 118 -7.03 -11.06 3.87
CA ASN E 118 -5.80 -10.82 3.14
C ASN E 118 -4.65 -11.70 3.65
N VAL E 119 -4.78 -12.25 4.85
CA VAL E 119 -3.69 -12.97 5.50
C VAL E 119 -3.72 -14.43 5.07
N PHE E 120 -2.56 -14.93 4.63
CA PHE E 120 -2.38 -16.31 4.20
C PHE E 120 -1.11 -16.88 4.83
N PRO E 121 -1.15 -18.11 5.32
CA PRO E 121 0.06 -18.74 5.84
C PRO E 121 0.92 -19.22 4.70
N PRO E 122 2.18 -19.58 4.97
CA PRO E 122 3.03 -20.13 3.91
C PRO E 122 2.81 -21.62 3.71
N GLU E 123 2.98 -22.04 2.46
CA GLU E 123 3.14 -23.45 2.12
C GLU E 123 4.64 -23.69 1.94
N VAL E 124 5.13 -24.79 2.53
CA VAL E 124 6.56 -25.08 2.55
C VAL E 124 6.80 -26.42 1.86
N ALA E 125 7.75 -26.43 0.94
CA ALA E 125 8.16 -27.68 0.30
C ALA E 125 9.67 -27.72 0.20
N VAL E 126 10.25 -28.90 0.38
CA VAL E 126 11.69 -29.11 0.23
C VAL E 126 11.90 -29.97 -1.01
N PHE E 127 12.92 -29.61 -1.79
CA PHE E 127 13.25 -30.30 -3.03
C PHE E 127 14.63 -30.92 -2.90
N GLU E 128 14.73 -32.20 -3.21
CA GLU E 128 15.93 -32.98 -2.95
C GLU E 128 16.99 -32.73 -4.03
N PRO E 129 18.26 -32.96 -3.68
CA PRO E 129 19.35 -32.55 -4.59
C PRO E 129 19.34 -33.29 -5.92
N SER E 130 19.80 -32.58 -6.94
CA SER E 130 19.97 -33.17 -8.27
C SER E 130 21.05 -34.24 -8.24
N GLU E 131 20.77 -35.39 -8.85
CA GLU E 131 21.82 -36.37 -9.00
C GLU E 131 22.91 -35.89 -9.96
N ALA E 132 22.55 -35.03 -10.92
CA ALA E 132 23.57 -34.46 -11.80
C ALA E 132 24.52 -33.56 -11.02
N GLU E 133 24.01 -32.79 -10.07
CA GLU E 133 24.90 -31.99 -9.22
C GLU E 133 25.81 -32.88 -8.39
N ILE E 134 25.25 -33.95 -7.82
CA ILE E 134 26.02 -34.82 -6.94
C ILE E 134 27.17 -35.47 -7.71
N SER E 135 26.87 -36.01 -8.90
CA SER E 135 27.89 -36.67 -9.70
C SER E 135 28.99 -35.71 -10.11
N HIS E 136 28.61 -34.48 -10.48
CA HIS E 136 29.58 -33.54 -11.02
C HIS E 136 30.40 -32.85 -9.93
N THR E 137 29.76 -32.44 -8.83
CA THR E 137 30.42 -31.64 -7.81
C THR E 137 30.70 -32.38 -6.51
N GLN E 138 30.08 -33.54 -6.30
CA GLN E 138 30.12 -34.25 -5.02
C GLN E 138 29.59 -33.37 -3.88
N LYS E 139 28.72 -32.43 -4.23
CA LYS E 139 27.94 -31.65 -3.29
C LYS E 139 26.46 -31.80 -3.62
N ALA E 140 25.62 -31.46 -2.65
CA ALA E 140 24.19 -31.71 -2.77
C ALA E 140 23.44 -30.51 -2.20
N THR E 141 22.72 -29.79 -3.05
CA THR E 141 21.99 -28.59 -2.66
C THR E 141 20.52 -28.92 -2.48
N LEU E 142 20.00 -28.72 -1.26
CA LEU E 142 18.57 -28.78 -1.00
C LEU E 142 17.98 -27.39 -1.14
N VAL E 143 16.77 -27.32 -1.67
CA VAL E 143 16.08 -26.06 -1.89
C VAL E 143 14.76 -26.10 -1.15
N CYS E 144 14.47 -25.03 -0.39
CA CYS E 144 13.21 -24.87 0.30
C CYS E 144 12.43 -23.71 -0.32
N LEU E 145 11.14 -23.92 -0.52
CA LEU E 145 10.25 -22.88 -1.04
C LEU E 145 9.13 -22.65 -0.03
N ALA E 146 8.98 -21.40 0.39
CA ALA E 146 7.85 -20.97 1.21
C ALA E 146 7.02 -20.03 0.32
N THR E 147 5.81 -20.43 -0.02
CA THR E 147 5.03 -19.72 -1.03
C THR E 147 3.64 -19.39 -0.52
N GLY E 148 3.06 -18.36 -1.13
CA GLY E 148 1.66 -18.03 -0.92
C GLY E 148 1.33 -17.33 0.38
N PHE E 149 2.30 -16.78 1.09
CA PHE E 149 2.02 -16.19 2.40
C PHE E 149 1.83 -14.69 2.30
N TYR E 150 1.06 -14.14 3.26
CA TYR E 150 0.87 -12.70 3.39
C TYR E 150 0.40 -12.43 4.81
N PRO E 151 0.91 -11.38 5.47
CA PRO E 151 1.95 -10.48 4.96
C PRO E 151 3.33 -11.11 5.08
N ASP E 152 4.37 -10.33 4.80
CA ASP E 152 5.75 -10.80 4.85
C ASP E 152 6.20 -10.84 6.32
N HIS E 153 5.69 -11.83 7.04
CA HIS E 153 6.00 -12.04 8.44
C HIS E 153 6.55 -13.44 8.65
N VAL E 154 7.69 -13.75 8.04
CA VAL E 154 8.22 -15.11 8.09
C VAL E 154 9.67 -15.09 8.54
N GLU E 155 10.08 -16.19 9.18
CA GLU E 155 11.48 -16.43 9.52
C GLU E 155 11.77 -17.88 9.15
N LEU E 156 12.73 -18.09 8.26
CA LEU E 156 13.04 -19.42 7.75
C LEU E 156 14.34 -19.91 8.36
N SER E 157 14.36 -21.17 8.78
CA SER E 157 15.56 -21.77 9.34
C SER E 157 15.70 -23.20 8.82
N TRP E 158 16.94 -23.69 8.80
CA TRP E 158 17.24 -25.07 8.44
C TRP E 158 17.67 -25.83 9.69
N TRP E 159 17.24 -27.08 9.80
CA TRP E 159 17.54 -27.91 10.95
C TRP E 159 18.03 -29.27 10.45
N VAL E 160 19.23 -29.66 10.87
CA VAL E 160 19.83 -30.92 10.48
C VAL E 160 19.98 -31.77 11.74
N ASN E 161 19.28 -32.91 11.75
CA ASN E 161 19.26 -33.81 12.91
C ASN E 161 18.90 -33.05 14.19
N GLY E 162 17.85 -32.23 14.09
CA GLY E 162 17.30 -31.55 15.25
C GLY E 162 18.04 -30.33 15.73
N LYS E 163 19.04 -29.84 14.97
CA LYS E 163 19.81 -28.68 15.38
C LYS E 163 19.92 -27.71 14.21
N GLU E 164 19.77 -26.43 14.50
CA GLU E 164 19.79 -25.41 13.46
C GLU E 164 21.20 -25.28 12.88
N VAL E 165 21.28 -25.15 11.57
CA VAL E 165 22.56 -24.97 10.89
C VAL E 165 22.56 -23.62 10.20
N HIS E 166 23.75 -23.07 10.01
CA HIS E 166 23.91 -21.82 9.29
C HIS E 166 24.96 -21.96 8.18
N SER E 167 25.92 -22.85 8.37
CA SER E 167 26.92 -23.10 7.36
C SER E 167 26.30 -23.78 6.16
N GLY E 168 26.66 -23.32 4.96
CA GLY E 168 26.11 -23.88 3.75
C GLY E 168 24.69 -23.44 3.44
N VAL E 169 24.16 -22.46 4.18
CA VAL E 169 22.79 -21.99 4.02
C VAL E 169 22.81 -20.60 3.43
N CYS E 170 21.85 -20.31 2.56
CA CYS E 170 21.64 -18.92 2.20
C CYS E 170 20.18 -18.76 1.78
N THR E 171 19.55 -17.71 2.30
CA THR E 171 18.13 -17.45 2.12
C THR E 171 17.96 -16.11 1.41
N ASP E 172 17.00 -16.04 0.49
CA ASP E 172 16.76 -14.80 -0.23
C ASP E 172 16.63 -13.64 0.75
N PRO E 173 17.40 -12.56 0.57
CA PRO E 173 17.22 -11.41 1.46
C PRO E 173 15.86 -10.75 1.34
N GLN E 174 15.17 -10.91 0.20
CA GLN E 174 13.85 -10.36 -0.03
C GLN E 174 12.94 -11.41 -0.65
N PRO E 175 11.67 -11.44 -0.26
CA PRO E 175 10.72 -12.33 -0.93
C PRO E 175 10.28 -11.78 -2.27
N LEU E 176 9.81 -12.69 -3.12
CA LEU E 176 9.21 -12.32 -4.40
C LEU E 176 7.72 -12.09 -4.22
N LYS E 177 7.20 -11.08 -4.89
CA LYS E 177 5.76 -10.89 -4.99
C LYS E 177 5.22 -11.84 -6.06
N GLU E 178 4.32 -12.75 -5.66
CA GLU E 178 3.84 -13.75 -6.59
C GLU E 178 3.07 -13.11 -7.76
N GLN E 179 2.47 -11.95 -7.53
CA GLN E 179 1.84 -11.17 -8.60
C GLN E 179 2.25 -9.70 -8.40
N PRO E 180 3.35 -9.28 -9.03
CA PRO E 180 3.93 -7.97 -8.70
C PRO E 180 3.01 -6.80 -8.91
N ALA E 181 1.97 -6.92 -9.74
CA ALA E 181 1.08 -5.79 -9.97
C ALA E 181 0.07 -5.58 -8.85
N LEU E 182 -0.03 -6.50 -7.90
CA LEU E 182 -0.98 -6.40 -6.79
C LEU E 182 -0.30 -5.80 -5.57
N ASN E 183 -0.93 -4.79 -4.97
CA ASN E 183 -0.38 -4.14 -3.79
C ASN E 183 -0.32 -5.08 -2.59
N ASP E 184 -1.25 -6.03 -2.51
CA ASP E 184 -1.30 -7.00 -1.44
C ASP E 184 -0.98 -8.41 -1.95
N SER E 185 -0.10 -8.50 -2.94
CA SER E 185 0.30 -9.79 -3.49
C SER E 185 0.88 -10.69 -2.41
N ARG E 186 0.55 -11.98 -2.49
CA ARG E 186 1.21 -12.95 -1.64
C ARG E 186 2.66 -13.13 -2.07
N TYR E 187 3.47 -13.67 -1.17
CA TYR E 187 4.91 -13.72 -1.33
C TYR E 187 5.41 -15.15 -1.48
N ALA E 188 6.61 -15.26 -2.06
CA ALA E 188 7.35 -16.51 -2.12
C ALA E 188 8.78 -16.25 -1.66
N LEU E 189 9.37 -17.23 -0.98
CA LEU E 189 10.72 -17.12 -0.45
C LEU E 189 11.45 -18.44 -0.67
N SER E 190 12.69 -18.36 -1.13
CA SER E 190 13.46 -19.56 -1.39
C SER E 190 14.70 -19.58 -0.50
N SER E 191 15.19 -20.79 -0.24
CA SER E 191 16.35 -21.01 0.60
C SER E 191 17.11 -22.21 0.07
N ARG E 192 18.41 -22.23 0.31
CA ARG E 192 19.24 -23.36 -0.08
C ARG E 192 20.10 -23.80 1.10
N LEU E 193 20.30 -25.11 1.20
CA LEU E 193 21.26 -25.71 2.12
C LEU E 193 22.11 -26.69 1.31
N ARG E 194 23.41 -26.43 1.25
CA ARG E 194 24.34 -27.26 0.50
C ARG E 194 25.21 -28.05 1.46
N VAL E 195 25.26 -29.37 1.28
CA VAL E 195 26.09 -30.26 2.08
C VAL E 195 26.90 -31.13 1.13
N SER E 196 27.89 -31.83 1.69
CA SER E 196 28.64 -32.79 0.90
C SER E 196 27.72 -33.91 0.45
N ALA E 197 28.07 -34.54 -0.68
CA ALA E 197 27.27 -35.63 -1.21
C ALA E 197 27.20 -36.79 -0.22
N THR E 198 28.33 -37.10 0.43
CA THR E 198 28.35 -38.21 1.37
C THR E 198 27.43 -37.95 2.56
N PHE E 199 27.36 -36.69 3.01
CA PHE E 199 26.46 -36.37 4.11
C PHE E 199 24.99 -36.51 3.70
N TRP E 200 24.65 -36.09 2.47
CA TRP E 200 23.29 -36.27 1.99
C TRP E 200 22.98 -37.74 1.73
N GLN E 201 23.97 -38.54 1.36
CA GLN E 201 23.73 -39.93 1.05
C GLN E 201 23.58 -40.81 2.29
N ASN E 202 23.70 -40.23 3.48
CA ASN E 202 23.51 -40.96 4.73
C ASN E 202 22.03 -40.94 5.10
N PRO E 203 21.31 -42.07 5.03
CA PRO E 203 19.86 -42.04 5.30
C PRO E 203 19.52 -41.76 6.75
N ARG E 204 20.49 -41.79 7.67
CA ARG E 204 20.21 -41.43 9.06
C ARG E 204 20.24 -39.92 9.30
N ASN E 205 20.65 -39.13 8.31
CA ASN E 205 20.62 -37.68 8.44
C ASN E 205 19.24 -37.15 8.09
N HIS E 206 18.73 -36.24 8.92
CA HIS E 206 17.40 -35.68 8.75
C HIS E 206 17.52 -34.18 8.49
N PHE E 207 16.87 -33.71 7.43
CA PHE E 207 16.94 -32.32 6.99
C PHE E 207 15.56 -31.70 7.08
N ARG E 208 15.48 -30.49 7.64
CA ARG E 208 14.19 -29.83 7.76
C ARG E 208 14.32 -28.34 7.46
N CYS E 209 13.44 -27.84 6.61
CA CYS E 209 13.26 -26.42 6.42
C CYS E 209 12.05 -25.98 7.21
N GLN E 210 12.21 -24.98 8.07
CA GLN E 210 11.20 -24.60 9.03
C GLN E 210 10.87 -23.13 8.88
N VAL E 211 9.59 -22.80 8.77
CA VAL E 211 9.14 -21.43 8.55
C VAL E 211 8.24 -21.03 9.71
N GLN E 212 8.69 -20.06 10.49
CA GLN E 212 7.84 -19.41 11.47
C GLN E 212 7.03 -18.31 10.77
N PHE E 213 5.71 -18.36 10.92
CA PHE E 213 4.81 -17.37 10.34
C PHE E 213 4.11 -16.65 11.48
N TYR E 214 4.12 -15.32 11.45
CA TYR E 214 3.40 -14.51 12.43
C TYR E 214 2.11 -14.04 11.78
N GLY E 215 0.99 -14.57 12.23
CA GLY E 215 -0.28 -14.30 11.59
C GLY E 215 -1.33 -13.73 12.50
N LEU E 216 -2.53 -14.29 12.43
CA LEU E 216 -3.65 -13.79 13.23
C LEU E 216 -3.55 -14.32 14.66
N SER E 217 -4.22 -13.61 15.55
CA SER E 217 -4.23 -13.94 16.97
C SER E 217 -5.44 -14.80 17.30
N GLU E 218 -5.47 -15.26 18.56
CA GLU E 218 -6.63 -15.97 19.07
C GLU E 218 -7.88 -15.09 19.01
N ASN E 219 -7.73 -13.79 19.25
CA ASN E 219 -8.87 -12.88 19.33
C ASN E 219 -9.35 -12.38 17.97
N ASP E 220 -8.58 -12.59 16.90
CA ASP E 220 -9.08 -12.29 15.57
C ASP E 220 -10.13 -13.32 15.16
N GLU E 221 -11.31 -12.83 14.81
CA GLU E 221 -12.47 -13.67 14.44
C GLU E 221 -12.37 -14.15 12.99
N TRP E 222 -12.27 -15.44 12.77
CA TRP E 222 -12.14 -16.01 11.44
C TRP E 222 -13.47 -16.58 10.98
N THR E 223 -13.88 -16.23 9.75
CA THR E 223 -15.14 -16.67 9.19
C THR E 223 -15.00 -17.44 7.89
N GLN E 224 -13.83 -17.43 7.26
CA GLN E 224 -13.66 -18.06 5.95
C GLN E 224 -13.64 -19.59 6.08
N ASP E 225 -13.85 -20.25 4.95
CA ASP E 225 -13.88 -21.71 4.94
C ASP E 225 -12.49 -22.30 5.08
N ARG E 226 -11.47 -21.64 4.53
CA ARG E 226 -10.11 -22.12 4.69
C ARG E 226 -9.65 -21.95 6.13
N ALA E 227 -8.56 -22.63 6.48
CA ALA E 227 -8.08 -22.64 7.86
C ALA E 227 -7.66 -21.25 8.29
N LYS E 228 -7.90 -20.94 9.57
CA LYS E 228 -7.51 -19.65 10.12
C LYS E 228 -5.99 -19.48 10.00
N PRO E 229 -5.51 -18.40 9.39
CA PRO E 229 -4.05 -18.22 9.25
C PRO E 229 -3.41 -17.68 10.52
N VAL E 230 -3.42 -18.52 11.57
CA VAL E 230 -2.84 -18.12 12.85
C VAL E 230 -1.32 -18.14 12.76
N THR E 231 -0.69 -17.50 13.74
CA THR E 231 0.75 -17.69 13.95
C THR E 231 1.05 -19.18 14.05
N GLN E 232 2.05 -19.64 13.28
CA GLN E 232 2.27 -21.08 13.19
C GLN E 232 3.67 -21.36 12.68
N ILE E 233 4.09 -22.61 12.86
CA ILE E 233 5.36 -23.11 12.36
C ILE E 233 5.06 -24.17 11.31
N VAL E 234 5.47 -23.91 10.07
CA VAL E 234 5.26 -24.82 8.95
C VAL E 234 6.61 -25.31 8.46
N SER E 235 6.69 -26.61 8.17
CA SER E 235 7.95 -27.27 7.89
C SER E 235 7.79 -28.25 6.74
N ALA E 236 8.90 -28.49 6.04
CA ALA E 236 9.03 -29.60 5.10
C ALA E 236 10.36 -30.27 5.36
N GLU E 237 10.44 -31.57 5.10
CA GLU E 237 11.60 -32.32 5.53
C GLU E 237 11.91 -33.45 4.56
N ALA E 238 13.12 -33.98 4.71
CA ALA E 238 13.57 -35.11 3.91
C ALA E 238 14.67 -35.82 4.68
N TRP E 239 14.72 -37.14 4.55
CA TRP E 239 15.86 -37.90 5.01
C TRP E 239 16.86 -38.06 3.88
N GLY E 240 18.12 -38.29 4.25
CA GLY E 240 19.12 -38.61 3.26
C GLY E 240 18.78 -39.86 2.47
N ARG E 241 19.33 -39.93 1.25
CA ARG E 241 19.04 -41.02 0.34
C ARG E 241 20.35 -41.61 -0.15
N ALA E 242 20.54 -42.92 0.07
CA ALA E 242 21.77 -43.61 -0.29
C ALA E 242 21.98 -43.66 -1.80
S SO4 F . -15.24 5.95 -9.79
O1 SO4 F . -14.52 4.74 -9.43
O2 SO4 F . -14.32 6.90 -10.41
O3 SO4 F . -15.84 6.54 -8.61
O4 SO4 F . -16.30 5.61 -10.75
C1 GOL G . -9.96 -16.56 -0.94
O1 GOL G . -10.20 -15.33 -1.58
C2 GOL G . -10.76 -16.57 0.39
O2 GOL G . -10.48 -17.71 1.15
C3 GOL G . -10.31 -15.30 1.11
O3 GOL G . -8.94 -15.40 1.22
C1 GOL H . -13.46 24.12 -0.11
O1 GOL H . -13.71 23.72 1.20
C2 GOL H . -14.83 24.19 -0.80
O2 GOL H . -14.74 24.70 -2.08
C3 GOL H . -15.71 25.06 0.13
O3 GOL H . -16.94 25.23 -0.50
C1 GOL I . -30.61 1.80 8.94
O1 GOL I . -29.69 2.38 9.81
C2 GOL I . -31.20 2.95 8.09
O2 GOL I . -30.30 3.40 7.13
C3 GOL I . -32.48 2.35 7.44
O3 GOL I . -32.83 3.21 6.40
C1 GOL J . 53.87 -11.77 -2.35
O1 GOL J . 52.93 -12.01 -1.34
C2 GOL J . 54.68 -13.06 -2.53
O2 GOL J . 53.90 -14.11 -2.98
C3 GOL J . 55.75 -12.70 -3.54
O3 GOL J . 55.11 -12.18 -4.64
MG MG K . -6.75 -6.55 -2.57
MG MG L . -9.32 -19.85 26.74
S SO4 M . 26.71 -24.00 12.08
O1 SO4 M . 28.02 -24.55 11.78
O2 SO4 M . 26.24 -24.54 13.35
O3 SO4 M . 25.78 -24.35 11.01
O4 SO4 M . 26.80 -22.55 12.18
C1 GOL N . -3.31 3.93 3.34
O1 GOL N . -2.76 4.96 4.09
C2 GOL N . -4.83 4.18 3.24
O2 GOL N . -5.31 3.92 1.97
C3 GOL N . -5.46 3.23 4.28
O3 GOL N . -6.73 3.72 4.55
C1 GOL O . 25.81 4.35 29.90
O1 GOL O . 24.44 4.13 30.06
C2 GOL O . 26.07 4.68 28.41
O2 GOL O . 27.11 5.60 28.26
C3 GOL O . 24.73 5.23 27.87
O3 GOL O . 24.63 6.55 28.31
#